data_3F98
#
_entry.id   3F98
#
_cell.length_a   76.984
_cell.length_b   133.322
_cell.length_c   253.855
_cell.angle_alpha   90.00
_cell.angle_beta   90.00
_cell.angle_gamma   90.00
#
_symmetry.space_group_name_H-M   'C 2 2 21'
#
loop_
_entity.id
_entity.type
_entity.pdbx_description
1 polymer 'Platelet-activating factor acetylhydrolase'
2 non-polymer 'R-ETHYL N,N-DIMETHYLPHOSPHONAMIDATE'
3 non-polymer 'FORMIC ACID'
4 water water
#
_entity_poly.entity_id   1
_entity_poly.type   'polypeptide(L)'
_entity_poly.pdbx_seq_one_letter_code
;AAASFGQTKIPRGNGPYSVGCTDLMFDHTNKGTFLRLYYPSQDNDRLDTLWIPNKEYFWGLSKFLGTHWLMGNILRLLFG
SMTTPANWNSPLRPGEKYPLVVFSHGLGAFRTLYSAIGIDLASHGFIVAAVEHRDRSASATYYFKDQSAAEIGDKSWLYL
RTLKQEEETHIRNEQVRQRAKECSQALSLILDIDHGKPVKNALDLKFDMEQLKDSIDREKIAVIGHSFGGATVIQTLSED
QRFRCGIALDAWMFPLGDEVYSRIPQPLFFINSEYFQYPANIIKMKKCYSPDKERKMITIRGSVHQNFADFTFATGKIIG
HMLKLKGDIDSNVAIDLSNKASLAFLQKHLGLHKDFDQWDCLIEGDDENLIPGTNINTTNQHI
;
_entity_poly.pdbx_strand_id   A,B,C
#
# COMPACT_ATOMS: atom_id res chain seq x y z
N ALA A 3 -36.29 -4.81 -21.07
CA ALA A 3 -36.27 -5.87 -22.09
C ALA A 3 -35.28 -6.99 -21.73
N SER A 4 -34.14 -6.65 -21.11
CA SER A 4 -33.06 -7.64 -20.88
C SER A 4 -33.34 -8.60 -19.72
N PHE A 5 -32.80 -9.81 -19.81
CA PHE A 5 -32.98 -10.79 -18.74
C PHE A 5 -31.82 -11.79 -18.76
N GLY A 6 -31.57 -12.43 -17.62
CA GLY A 6 -30.45 -13.37 -17.49
C GLY A 6 -30.58 -14.56 -18.42
N GLN A 7 -29.47 -14.95 -19.04
CA GLN A 7 -29.49 -16.12 -19.93
C GLN A 7 -28.31 -17.06 -19.65
N THR A 8 -27.10 -16.56 -19.83
CA THR A 8 -25.88 -17.35 -19.65
C THR A 8 -25.18 -16.91 -18.36
N LYS A 9 -24.27 -17.75 -17.85
CA LYS A 9 -23.46 -17.34 -16.69
C LYS A 9 -22.60 -16.15 -16.98
N ILE A 10 -21.98 -16.16 -18.15
CA ILE A 10 -21.24 -15.00 -18.64
C ILE A 10 -22.27 -13.95 -19.11
N PRO A 11 -22.18 -12.68 -18.66
CA PRO A 11 -23.25 -11.73 -18.94
C PRO A 11 -23.32 -11.35 -20.42
N ARG A 12 -24.54 -11.17 -20.91
CA ARG A 12 -24.74 -10.59 -22.22
C ARG A 12 -24.28 -9.15 -22.25
N GLY A 13 -23.99 -8.65 -23.45
CA GLY A 13 -23.60 -7.26 -23.60
C GLY A 13 -24.73 -6.34 -23.18
N ASN A 14 -24.38 -5.17 -22.67
CA ASN A 14 -25.37 -4.16 -22.28
C ASN A 14 -25.84 -3.27 -23.42
N GLY A 15 -25.17 -3.36 -24.56
CA GLY A 15 -25.44 -2.46 -25.70
C GLY A 15 -26.62 -2.90 -26.53
N PRO A 16 -26.98 -2.10 -27.54
CA PRO A 16 -28.19 -2.40 -28.35
C PRO A 16 -28.08 -3.54 -29.36
N TYR A 17 -26.86 -3.96 -29.69
CA TYR A 17 -26.66 -4.97 -30.72
C TYR A 17 -26.51 -6.39 -30.20
N SER A 18 -27.09 -7.33 -30.94
CA SER A 18 -26.72 -8.73 -30.76
C SER A 18 -25.28 -8.91 -31.24
N VAL A 19 -24.64 -9.96 -30.75
CA VAL A 19 -23.20 -10.14 -31.00
C VAL A 19 -22.96 -11.48 -31.68
N GLY A 20 -22.16 -11.46 -32.73
CA GLY A 20 -21.70 -12.71 -33.34
C GLY A 20 -20.26 -13.02 -32.94
N CYS A 21 -19.82 -14.24 -33.22
CA CYS A 21 -18.45 -14.66 -32.88
C CYS A 21 -17.95 -15.69 -33.87
N THR A 22 -16.68 -15.56 -34.25
CA THR A 22 -16.02 -16.57 -35.06
C THR A 22 -14.53 -16.60 -34.73
N ASP A 23 -13.81 -17.58 -35.26
CA ASP A 23 -12.36 -17.66 -35.07
C ASP A 23 -11.67 -17.53 -36.43
N LEU A 24 -10.48 -16.95 -36.41
CA LEU A 24 -9.67 -16.75 -37.61
C LEU A 24 -8.21 -17.10 -37.32
N MET A 25 -7.63 -17.98 -38.14
CA MET A 25 -6.21 -18.26 -38.05
C MET A 25 -5.60 -18.07 -39.44
N PHE A 26 -4.64 -17.16 -39.54
CA PHE A 26 -3.91 -16.96 -40.80
C PHE A 26 -2.57 -16.27 -40.55
N ASP A 27 -1.45 -16.84 -41.02
CA ASP A 27 -1.38 -18.19 -41.60
C ASP A 27 -1.51 -19.30 -40.56
N HIS A 28 -1.27 -20.54 -40.99
CA HIS A 28 -1.40 -21.72 -40.13
C HIS A 28 -0.29 -21.94 -39.14
N THR A 29 0.77 -21.13 -39.19
CA THR A 29 2.02 -21.46 -38.50
C THR A 29 2.07 -20.89 -37.08
N ASN A 30 3.12 -21.26 -36.34
CA ASN A 30 3.33 -20.69 -35.00
C ASN A 30 3.61 -19.19 -35.02
N LYS A 31 3.84 -18.63 -36.21
CA LYS A 31 4.05 -17.18 -36.39
C LYS A 31 2.88 -16.47 -37.10
N GLY A 32 1.83 -17.22 -37.42
CA GLY A 32 0.62 -16.61 -37.97
C GLY A 32 -0.23 -15.93 -36.89
N THR A 33 -1.34 -15.34 -37.31
CA THR A 33 -2.30 -14.69 -36.41
C THR A 33 -3.41 -15.68 -36.05
N PHE A 34 -3.75 -15.75 -34.76
CA PHE A 34 -4.91 -16.53 -34.29
C PHE A 34 -5.73 -15.59 -33.44
N LEU A 35 -6.99 -15.41 -33.78
CA LEU A 35 -7.84 -14.50 -32.99
C LEU A 35 -9.28 -15.01 -32.96
N ARG A 36 -9.99 -14.60 -31.90
CA ARG A 36 -11.43 -14.77 -31.82
C ARG A 36 -12.05 -13.40 -32.05
N LEU A 37 -13.02 -13.35 -32.97
CA LEU A 37 -13.66 -12.09 -33.36
C LEU A 37 -15.02 -12.01 -32.73
N TYR A 38 -15.33 -10.89 -32.09
CA TYR A 38 -16.70 -10.56 -31.69
C TYR A 38 -17.14 -9.35 -32.48
N TYR A 39 -18.41 -9.30 -32.90
CA TYR A 39 -18.85 -8.22 -33.79
C TYR A 39 -20.38 -8.05 -33.68
N PRO A 40 -20.89 -6.87 -34.06
CA PRO A 40 -22.33 -6.65 -34.09
C PRO A 40 -22.96 -7.56 -35.15
N SER A 41 -24.05 -8.22 -34.78
CA SER A 41 -24.70 -9.12 -35.70
C SER A 41 -26.16 -8.73 -35.80
N GLN A 42 -26.86 -9.25 -36.80
CA GLN A 42 -28.27 -8.92 -36.89
C GLN A 42 -29.10 -9.93 -36.13
N ASP A 43 -28.77 -11.21 -36.30
CA ASP A 43 -29.51 -12.30 -35.67
C ASP A 43 -29.26 -12.29 -34.15
N ASN A 44 -30.32 -12.54 -33.36
CA ASN A 44 -30.24 -12.52 -31.88
C ASN A 44 -30.49 -13.87 -31.18
N ASP A 45 -31.04 -14.81 -31.93
CA ASP A 45 -31.40 -16.09 -31.30
C ASP A 45 -30.31 -16.69 -30.40
N ARG A 46 -29.13 -16.97 -30.95
CA ARG A 46 -28.59 -18.31 -30.70
C ARG A 46 -27.77 -18.54 -29.46
N LEU A 47 -26.95 -17.58 -29.09
CA LEU A 47 -26.10 -17.68 -27.88
C LEU A 47 -25.43 -19.06 -27.77
N ASP A 48 -24.69 -19.43 -28.80
CA ASP A 48 -24.26 -20.83 -28.94
C ASP A 48 -22.76 -20.96 -29.17
N THR A 49 -22.03 -19.92 -28.83
CA THR A 49 -20.57 -19.97 -28.97
C THR A 49 -19.98 -20.73 -27.79
N LEU A 50 -19.23 -21.78 -28.08
CA LEU A 50 -18.65 -22.61 -27.05
C LEU A 50 -17.49 -21.84 -26.42
N TRP A 51 -17.47 -21.83 -25.08
CA TRP A 51 -16.55 -20.95 -24.35
C TRP A 51 -15.08 -21.43 -24.46
N ILE A 52 -14.84 -22.71 -24.17
CA ILE A 52 -13.48 -23.27 -24.22
C ILE A 52 -13.61 -24.47 -25.16
N PRO A 53 -13.21 -24.28 -26.42
CA PRO A 53 -13.53 -25.18 -27.53
C PRO A 53 -12.65 -26.41 -27.78
N ASN A 54 -11.65 -26.67 -26.93
CA ASN A 54 -10.74 -27.83 -27.14
C ASN A 54 -10.30 -28.38 -25.81
N LYS A 55 -10.21 -29.72 -25.73
CA LYS A 55 -9.81 -30.38 -24.49
C LYS A 55 -8.45 -29.91 -24.00
N GLU A 56 -7.55 -29.60 -24.94
CA GLU A 56 -6.17 -29.23 -24.60
C GLU A 56 -6.09 -27.95 -23.79
N TYR A 57 -7.05 -27.04 -23.94
CA TYR A 57 -7.09 -25.82 -23.09
C TYR A 57 -7.29 -26.18 -21.62
N PHE A 58 -8.09 -27.21 -21.37
CA PHE A 58 -8.29 -27.64 -19.98
C PHE A 58 -7.04 -28.31 -19.43
N TRP A 59 -6.38 -29.11 -20.27
CA TRP A 59 -5.08 -29.67 -19.90
C TRP A 59 -4.07 -28.55 -19.59
N GLY A 60 -4.04 -27.54 -20.46
CA GLY A 60 -3.18 -26.36 -20.27
C GLY A 60 -3.49 -25.61 -18.97
N LEU A 61 -4.77 -25.47 -18.64
CA LEU A 61 -5.15 -24.75 -17.42
C LEU A 61 -4.67 -25.52 -16.18
N SER A 62 -4.79 -26.83 -16.23
CA SER A 62 -4.29 -27.66 -15.14
C SER A 62 -2.78 -27.48 -14.95
N LYS A 63 -2.04 -27.48 -16.06
CA LYS A 63 -0.58 -27.29 -16.02
C LYS A 63 -0.23 -25.93 -15.41
N PHE A 64 -0.93 -24.89 -15.87
CA PHE A 64 -0.75 -23.54 -15.36
C PHE A 64 -1.04 -23.46 -13.85
N LEU A 65 -2.07 -24.17 -13.39
CA LEU A 65 -2.44 -24.18 -11.99
C LEU A 65 -1.50 -25.02 -11.13
N GLY A 66 -0.70 -25.88 -11.76
CA GLY A 66 0.25 -26.74 -11.03
C GLY A 66 -0.43 -27.88 -10.32
N THR A 67 -1.71 -28.09 -10.65
CA THR A 67 -2.52 -29.13 -10.04
C THR A 67 -2.19 -30.48 -10.66
N HIS A 68 -2.68 -31.54 -10.00
CA HIS A 68 -2.53 -32.90 -10.51
C HIS A 68 -3.18 -33.05 -11.88
N TRP A 69 -2.53 -33.83 -12.74
CA TRP A 69 -2.95 -34.10 -14.12
C TRP A 69 -4.47 -34.32 -14.32
N LEU A 70 -5.12 -34.97 -13.36
CA LEU A 70 -6.55 -35.26 -13.41
C LEU A 70 -7.43 -34.01 -13.32
N MET A 71 -6.88 -32.90 -12.84
CA MET A 71 -7.65 -31.66 -12.74
C MET A 71 -8.11 -31.20 -14.12
N GLY A 72 -7.28 -31.43 -15.13
CA GLY A 72 -7.62 -31.09 -16.52
C GLY A 72 -8.92 -31.77 -16.94
N ASN A 73 -9.01 -33.07 -16.69
CA ASN A 73 -10.24 -33.84 -16.89
C ASN A 73 -11.44 -33.31 -16.10
N ILE A 74 -11.21 -32.93 -14.85
CA ILE A 74 -12.28 -32.39 -14.00
C ILE A 74 -12.80 -31.06 -14.53
N LEU A 75 -11.88 -30.17 -14.88
CA LEU A 75 -12.22 -28.88 -15.48
C LEU A 75 -13.04 -29.07 -16.74
N ARG A 76 -12.63 -30.02 -17.58
CA ARG A 76 -13.38 -30.31 -18.80
C ARG A 76 -14.79 -30.80 -18.48
N LEU A 77 -14.91 -31.66 -17.47
CA LEU A 77 -16.22 -32.16 -17.05
C LEU A 77 -17.12 -31.00 -16.59
N LEU A 78 -16.56 -30.12 -15.79
CA LEU A 78 -17.30 -28.98 -15.24
C LEU A 78 -17.68 -27.93 -16.29
N PHE A 79 -16.75 -27.59 -17.18
CA PHE A 79 -16.90 -26.38 -18.00
C PHE A 79 -16.91 -26.61 -19.52
N GLY A 80 -16.75 -27.88 -19.93
CA GLY A 80 -16.65 -28.22 -21.34
C GLY A 80 -17.87 -27.90 -22.18
N SER A 81 -19.05 -27.81 -21.55
CA SER A 81 -20.28 -27.52 -22.29
C SER A 81 -20.70 -26.04 -22.17
N MET A 82 -19.95 -25.28 -21.39
CA MET A 82 -20.29 -23.89 -21.17
C MET A 82 -20.26 -23.08 -22.47
N THR A 83 -21.24 -22.20 -22.64
CA THR A 83 -21.31 -21.33 -23.79
C THR A 83 -21.18 -19.87 -23.32
N THR A 84 -21.01 -18.97 -24.28
CA THR A 84 -20.96 -17.55 -24.00
C THR A 84 -21.95 -16.87 -24.95
N PRO A 85 -22.56 -15.74 -24.54
CA PRO A 85 -23.73 -15.20 -25.27
C PRO A 85 -23.41 -14.44 -26.56
N ALA A 86 -22.88 -15.19 -27.52
CA ALA A 86 -22.61 -14.66 -28.83
C ALA A 86 -23.06 -15.70 -29.85
N ASN A 87 -23.43 -15.21 -31.04
CA ASN A 87 -24.02 -16.10 -32.05
C ASN A 87 -22.94 -16.62 -32.97
N TRP A 88 -22.66 -17.91 -32.88
CA TRP A 88 -21.53 -18.48 -33.60
C TRP A 88 -21.72 -18.36 -35.13
N ASN A 89 -20.76 -17.71 -35.79
CA ASN A 89 -20.76 -17.52 -37.25
C ASN A 89 -21.97 -16.78 -37.82
N SER A 90 -22.63 -15.98 -36.98
CA SER A 90 -23.75 -15.16 -37.46
C SER A 90 -23.23 -14.05 -38.38
N PRO A 91 -24.07 -13.58 -39.33
CA PRO A 91 -23.52 -12.58 -40.24
C PRO A 91 -23.27 -11.26 -39.53
N LEU A 92 -22.30 -10.51 -40.04
CA LEU A 92 -22.01 -9.16 -39.58
C LEU A 92 -23.20 -8.24 -39.82
N ARG A 93 -23.56 -7.45 -38.83
CA ARG A 93 -24.61 -6.44 -39.00
C ARG A 93 -24.15 -5.38 -40.02
N PRO A 94 -24.95 -5.16 -41.09
CA PRO A 94 -24.65 -4.02 -41.96
C PRO A 94 -24.86 -2.71 -41.22
N GLY A 95 -24.05 -1.72 -41.53
CA GLY A 95 -24.14 -0.42 -40.89
C GLY A 95 -22.93 0.42 -41.18
N GLU A 96 -22.78 1.51 -40.43
CA GLU A 96 -21.64 2.41 -40.52
C GLU A 96 -20.36 1.65 -40.15
N LYS A 97 -19.21 2.11 -40.63
CA LYS A 97 -17.92 1.50 -40.27
C LYS A 97 -17.81 1.41 -38.74
N TYR A 98 -17.30 0.27 -38.26
CA TYR A 98 -17.22 0.00 -36.82
C TYR A 98 -15.83 0.27 -36.27
N PRO A 99 -15.76 0.86 -35.06
CA PRO A 99 -14.45 0.99 -34.41
C PRO A 99 -13.95 -0.41 -34.03
N LEU A 100 -12.65 -0.54 -33.87
CA LEU A 100 -12.01 -1.84 -33.69
C LEU A 100 -11.14 -1.86 -32.44
N VAL A 101 -11.29 -2.90 -31.64
CA VAL A 101 -10.40 -3.15 -30.50
C VAL A 101 -9.61 -4.43 -30.75
N VAL A 102 -8.31 -4.41 -30.54
CA VAL A 102 -7.49 -5.62 -30.46
C VAL A 102 -7.28 -5.88 -28.98
N PHE A 103 -7.58 -7.10 -28.54
CA PHE A 103 -7.54 -7.45 -27.10
C PHE A 103 -6.49 -8.51 -26.82
N SER A 104 -5.66 -8.25 -25.80
CA SER A 104 -4.60 -9.17 -25.39
C SER A 104 -4.83 -9.85 -24.04
N HIS A 105 -4.78 -11.18 -24.04
CA HIS A 105 -5.06 -11.98 -22.85
C HIS A 105 -3.88 -12.02 -21.86
N GLY A 106 -4.17 -12.44 -20.64
CA GLY A 106 -3.15 -12.55 -19.59
C GLY A 106 -2.34 -13.84 -19.62
N LEU A 107 -1.39 -13.93 -18.70
CA LEU A 107 -0.61 -15.14 -18.53
C LEU A 107 -1.50 -16.29 -18.09
N GLY A 108 -1.40 -17.44 -18.76
CA GLY A 108 -2.20 -18.59 -18.38
C GLY A 108 -3.59 -18.58 -19.03
N ALA A 109 -3.92 -17.51 -19.72
CA ALA A 109 -5.21 -17.45 -20.41
C ALA A 109 -5.01 -17.83 -21.87
N PHE A 110 -6.00 -17.46 -22.69
CA PHE A 110 -6.03 -17.68 -24.14
C PHE A 110 -7.22 -16.89 -24.70
N ARG A 111 -7.48 -16.99 -26.00
CA ARG A 111 -8.28 -15.95 -26.65
C ARG A 111 -9.74 -15.90 -26.20
N THR A 112 -10.27 -17.00 -25.69
CA THR A 112 -11.72 -17.09 -25.51
C THR A 112 -12.18 -16.68 -24.11
N LEU A 113 -11.22 -16.33 -23.23
CA LEU A 113 -11.52 -16.14 -21.80
C LEU A 113 -11.91 -14.72 -21.39
N TYR A 114 -12.08 -13.84 -22.36
CA TYR A 114 -12.48 -12.45 -22.07
C TYR A 114 -13.70 -12.06 -22.88
N SER A 115 -14.61 -13.01 -23.01
CA SER A 115 -15.85 -12.78 -23.74
C SER A 115 -16.80 -11.81 -23.04
N ALA A 116 -16.78 -11.71 -21.72
CA ALA A 116 -17.65 -10.74 -21.06
C ALA A 116 -17.29 -9.34 -21.58
N ILE A 117 -15.99 -9.09 -21.67
CA ILE A 117 -15.50 -7.82 -22.25
C ILE A 117 -15.76 -7.71 -23.75
N GLY A 118 -15.38 -8.74 -24.51
CA GLY A 118 -15.51 -8.69 -25.97
C GLY A 118 -16.96 -8.51 -26.38
N ILE A 119 -17.84 -9.28 -25.74
CA ILE A 119 -19.26 -9.22 -26.09
C ILE A 119 -19.86 -7.87 -25.69
N ASP A 120 -19.49 -7.36 -24.52
CA ASP A 120 -20.01 -6.04 -24.17
C ASP A 120 -19.61 -4.98 -25.17
N LEU A 121 -18.34 -4.96 -25.53
CA LEU A 121 -17.88 -4.00 -26.54
C LEU A 121 -18.64 -4.16 -27.87
N ALA A 122 -18.75 -5.40 -28.34
CA ALA A 122 -19.39 -5.66 -29.63
C ALA A 122 -20.86 -5.22 -29.56
N SER A 123 -21.52 -5.45 -28.43
CA SER A 123 -22.94 -5.06 -28.27
C SER A 123 -23.13 -3.54 -28.36
N HIS A 124 -22.06 -2.78 -28.14
CA HIS A 124 -22.10 -1.32 -28.25
C HIS A 124 -21.56 -0.83 -29.60
N GLY A 125 -21.33 -1.76 -30.53
CA GLY A 125 -20.90 -1.39 -31.89
C GLY A 125 -19.43 -1.47 -32.24
N PHE A 126 -18.63 -2.15 -31.42
CA PHE A 126 -17.24 -2.46 -31.79
C PHE A 126 -17.10 -3.82 -32.48
N ILE A 127 -16.08 -3.93 -33.34
CA ILE A 127 -15.54 -5.23 -33.69
C ILE A 127 -14.35 -5.44 -32.74
N VAL A 128 -14.26 -6.63 -32.16
CA VAL A 128 -13.20 -6.92 -31.20
C VAL A 128 -12.43 -8.14 -31.67
N ALA A 129 -11.11 -8.01 -31.76
CA ALA A 129 -10.24 -9.11 -32.16
C ALA A 129 -9.42 -9.54 -30.95
N ALA A 130 -9.78 -10.68 -30.36
CA ALA A 130 -9.12 -11.16 -29.15
C ALA A 130 -8.02 -12.11 -29.62
N VAL A 131 -6.76 -11.66 -29.55
CA VAL A 131 -5.63 -12.42 -30.06
C VAL A 131 -5.31 -13.63 -29.19
N GLU A 132 -4.83 -14.73 -29.78
CA GLU A 132 -4.23 -15.77 -28.99
C GLU A 132 -2.71 -15.73 -29.21
N HIS A 133 -1.98 -15.55 -28.13
CA HIS A 133 -0.53 -15.40 -28.24
C HIS A 133 0.18 -16.74 -28.34
N ARG A 134 1.26 -16.74 -29.13
CA ARG A 134 2.08 -17.95 -29.34
C ARG A 134 3.48 -17.81 -28.67
N ASP A 135 3.55 -16.97 -27.64
CA ASP A 135 4.80 -16.65 -26.93
C ASP A 135 5.02 -17.60 -25.74
N ARG A 136 4.19 -18.63 -25.63
CA ARG A 136 4.18 -19.58 -24.49
C ARG A 136 3.70 -18.95 -23.17
N SER A 137 2.95 -17.84 -23.30
CA SER A 137 2.25 -17.27 -22.15
C SER A 137 0.81 -17.77 -22.03
N ALA A 138 0.24 -18.31 -23.11
CA ALA A 138 -1.11 -18.90 -23.04
C ALA A 138 -0.99 -20.23 -22.30
N SER A 139 -2.02 -20.61 -21.53
CA SER A 139 -2.01 -21.95 -20.93
C SER A 139 -1.85 -23.00 -22.02
N ALA A 140 -2.56 -22.79 -23.12
CA ALA A 140 -2.40 -23.62 -24.32
C ALA A 140 -2.74 -22.78 -25.54
N THR A 141 -2.14 -23.13 -26.67
CA THR A 141 -2.55 -22.66 -27.99
C THR A 141 -2.16 -23.74 -29.01
N TYR A 142 -2.66 -23.60 -30.23
CA TYR A 142 -2.26 -24.53 -31.29
C TYR A 142 -1.98 -23.81 -32.60
N TYR A 143 -1.30 -24.53 -33.49
CA TYR A 143 -0.95 -24.08 -34.81
C TYR A 143 -0.72 -25.40 -35.58
N PHE A 144 -0.31 -25.28 -36.83
CA PHE A 144 -0.10 -26.42 -37.74
C PHE A 144 1.30 -26.44 -38.36
N LYS A 145 1.67 -27.56 -38.96
CA LYS A 145 2.98 -27.72 -39.62
C LYS A 145 2.97 -27.26 -41.07
N ASP A 146 1.85 -27.44 -41.77
CA ASP A 146 1.75 -26.94 -43.14
C ASP A 146 0.32 -26.73 -43.59
N GLN A 147 0.16 -26.35 -44.86
CA GLN A 147 -1.15 -26.08 -45.47
C GLN A 147 -2.04 -27.31 -45.43
N SER A 148 -1.45 -28.49 -45.63
CA SER A 148 -2.22 -29.73 -45.69
C SER A 148 -2.72 -30.15 -44.31
N ALA A 149 -1.86 -29.98 -43.30
CA ALA A 149 -2.20 -30.22 -41.90
C ALA A 149 -3.35 -29.33 -41.45
N ALA A 150 -3.45 -28.14 -42.05
CA ALA A 150 -4.56 -27.23 -41.77
C ALA A 150 -5.87 -27.78 -42.31
N GLU A 151 -5.91 -28.12 -43.60
CA GLU A 151 -7.09 -28.75 -44.20
C GLU A 151 -7.35 -30.15 -43.62
N ILE A 152 -6.28 -30.84 -43.22
CA ILE A 152 -6.34 -32.12 -42.49
C ILE A 152 -6.70 -31.92 -41.01
N GLY A 153 -6.03 -30.96 -40.36
CA GLY A 153 -6.34 -30.61 -38.97
C GLY A 153 -5.51 -31.33 -37.94
N ASP A 154 -4.26 -31.65 -38.28
CA ASP A 154 -3.31 -32.23 -37.32
C ASP A 154 -2.72 -31.08 -36.51
N LYS A 155 -3.34 -30.79 -35.37
CA LYS A 155 -2.93 -29.68 -34.50
C LYS A 155 -1.64 -29.98 -33.73
N SER A 156 -0.76 -28.97 -33.65
CA SER A 156 0.35 -29.02 -32.73
C SER A 156 0.04 -28.09 -31.57
N TRP A 157 0.08 -28.62 -30.36
CA TRP A 157 -0.22 -27.83 -29.17
C TRP A 157 1.04 -27.30 -28.51
N LEU A 158 0.93 -26.08 -27.98
CA LEU A 158 2.02 -25.35 -27.36
C LEU A 158 1.50 -24.92 -26.01
N TYR A 159 2.16 -25.38 -24.94
CA TYR A 159 1.69 -25.11 -23.58
C TYR A 159 2.55 -24.03 -22.92
N LEU A 160 1.96 -23.38 -21.92
CA LEU A 160 2.68 -22.40 -21.11
C LEU A 160 4.07 -22.89 -20.69
N ARG A 161 5.05 -22.00 -20.88
CA ARG A 161 6.41 -22.20 -20.43
C ARG A 161 6.59 -21.66 -19.02
N THR A 162 6.99 -22.53 -18.09
CA THR A 162 7.31 -22.11 -16.73
C THR A 162 8.75 -21.65 -16.74
N LEU A 163 9.03 -20.58 -15.99
CA LEU A 163 10.33 -19.94 -16.06
C LEU A 163 11.08 -20.08 -14.74
N LYS A 164 12.39 -20.26 -14.85
CA LYS A 164 13.27 -20.16 -13.70
C LYS A 164 13.45 -18.67 -13.43
N GLN A 165 13.83 -18.32 -12.20
CA GLN A 165 14.00 -16.91 -11.83
C GLN A 165 14.91 -16.14 -12.78
N GLU A 166 16.02 -16.75 -13.20
CA GLU A 166 16.97 -16.07 -14.08
C GLU A 166 16.41 -15.87 -15.48
N GLU A 167 15.38 -16.65 -15.84
CA GLU A 167 14.71 -16.48 -17.12
C GLU A 167 13.70 -15.35 -17.09
N GLU A 168 13.07 -15.11 -15.94
CA GLU A 168 12.05 -14.05 -15.86
C GLU A 168 12.59 -12.73 -16.40
N THR A 169 13.84 -12.44 -16.02
CA THR A 169 14.53 -11.18 -16.28
C THR A 169 14.87 -10.85 -17.74
N HIS A 170 14.66 -11.79 -18.67
CA HIS A 170 14.75 -11.49 -20.10
C HIS A 170 13.61 -12.09 -20.95
N ILE A 171 13.10 -13.24 -20.54
CA ILE A 171 12.07 -13.90 -21.34
C ILE A 171 10.75 -13.13 -21.28
N ARG A 172 10.42 -12.54 -20.14
CA ARG A 172 9.16 -11.76 -20.10
C ARG A 172 9.21 -10.59 -21.10
N ASN A 173 10.37 -9.93 -21.22
CA ASN A 173 10.51 -8.87 -22.20
C ASN A 173 10.44 -9.38 -23.63
N GLU A 174 11.08 -10.51 -23.90
CA GLU A 174 10.98 -11.13 -25.21
C GLU A 174 9.53 -11.43 -25.55
N GLN A 175 8.80 -11.96 -24.56
CA GLN A 175 7.37 -12.27 -24.71
C GLN A 175 6.52 -11.02 -24.96
N VAL A 176 6.71 -9.96 -24.18
CA VAL A 176 5.92 -8.75 -24.43
C VAL A 176 6.16 -8.12 -25.81
N ARG A 177 7.40 -8.22 -26.31
CA ARG A 177 7.71 -7.74 -27.64
C ARG A 177 7.01 -8.63 -28.68
N GLN A 178 7.01 -9.95 -28.46
CA GLN A 178 6.30 -10.87 -29.38
C GLN A 178 4.79 -10.57 -29.35
N ARG A 179 4.25 -10.36 -28.16
CA ARG A 179 2.84 -10.04 -28.01
C ARG A 179 2.47 -8.75 -28.75
N ALA A 180 3.31 -7.71 -28.63
CA ALA A 180 3.03 -6.47 -29.34
C ALA A 180 3.05 -6.73 -30.86
N LYS A 181 4.03 -7.49 -31.31
CA LYS A 181 4.10 -7.86 -32.74
C LYS A 181 2.84 -8.58 -33.19
N GLU A 182 2.36 -9.49 -32.34
CA GLU A 182 1.13 -10.24 -32.59
C GLU A 182 -0.10 -9.34 -32.61
N CYS A 183 -0.15 -8.32 -31.76
CA CYS A 183 -1.27 -7.37 -31.79
C CYS A 183 -1.24 -6.55 -33.08
N SER A 184 -0.06 -6.07 -33.46
CA SER A 184 0.07 -5.28 -34.69
C SER A 184 -0.25 -6.14 -35.92
N GLN A 185 0.20 -7.40 -35.89
CA GLN A 185 -0.03 -8.33 -37.01
C GLN A 185 -1.52 -8.70 -37.13
N ALA A 186 -2.18 -8.87 -35.99
CA ALA A 186 -3.64 -9.10 -36.00
C ALA A 186 -4.36 -7.90 -36.61
N LEU A 187 -3.93 -6.68 -36.25
CA LEU A 187 -4.54 -5.48 -36.80
C LEU A 187 -4.32 -5.44 -38.32
N SER A 188 -3.10 -5.73 -38.76
CA SER A 188 -2.81 -5.72 -40.19
C SER A 188 -3.65 -6.74 -40.94
N LEU A 189 -3.85 -7.90 -40.33
CA LEU A 189 -4.70 -8.94 -40.94
C LEU A 189 -6.14 -8.44 -41.08
N ILE A 190 -6.68 -7.86 -40.02
CA ILE A 190 -8.05 -7.34 -40.08
C ILE A 190 -8.15 -6.21 -41.12
N LEU A 191 -7.14 -5.35 -41.17
CA LEU A 191 -7.16 -4.26 -42.16
C LEU A 191 -7.00 -4.77 -43.59
N ASP A 192 -6.24 -5.85 -43.78
CA ASP A 192 -6.15 -6.49 -45.11
C ASP A 192 -7.52 -6.99 -45.55
N ILE A 193 -8.20 -7.67 -44.63
CA ILE A 193 -9.55 -8.14 -44.89
C ILE A 193 -10.51 -6.97 -45.17
N ASP A 194 -10.43 -5.91 -44.36
CA ASP A 194 -11.22 -4.71 -44.61
C ASP A 194 -11.03 -4.13 -46.03
N HIS A 195 -9.79 -4.06 -46.50
CA HIS A 195 -9.55 -3.44 -47.81
C HIS A 195 -9.64 -4.42 -48.98
N GLY A 196 -10.13 -5.62 -48.68
CA GLY A 196 -10.48 -6.62 -49.69
C GLY A 196 -9.39 -7.59 -50.11
N LYS A 197 -8.37 -7.77 -49.28
CA LYS A 197 -7.34 -8.77 -49.59
C LYS A 197 -7.89 -10.16 -49.31
N PRO A 198 -7.82 -11.08 -50.30
CA PRO A 198 -8.29 -12.43 -50.02
C PRO A 198 -7.42 -13.07 -48.94
N VAL A 199 -8.07 -13.77 -48.01
CA VAL A 199 -7.41 -14.47 -46.92
C VAL A 199 -8.08 -15.83 -46.79
N LYS A 200 -7.27 -16.87 -46.63
CA LYS A 200 -7.77 -18.24 -46.44
C LYS A 200 -7.64 -18.67 -44.99
N ASN A 201 -8.77 -18.65 -44.26
CA ASN A 201 -8.79 -19.09 -42.85
C ASN A 201 -8.27 -20.52 -42.75
N ALA A 202 -7.28 -20.74 -41.89
CA ALA A 202 -6.71 -22.08 -41.69
C ALA A 202 -7.69 -22.99 -40.94
N LEU A 203 -8.68 -22.37 -40.30
CA LEU A 203 -9.80 -23.09 -39.70
C LEU A 203 -10.95 -23.08 -40.69
N ASP A 204 -11.64 -24.21 -40.83
CA ASP A 204 -12.78 -24.25 -41.75
C ASP A 204 -14.04 -23.91 -40.97
N LEU A 205 -14.59 -22.73 -41.24
CA LEU A 205 -15.71 -22.20 -40.49
C LEU A 205 -16.68 -21.49 -41.43
N LYS A 206 -17.95 -21.46 -41.06
CA LYS A 206 -19.02 -20.89 -41.91
C LYS A 206 -18.89 -19.42 -42.27
N PHE A 207 -18.31 -18.62 -41.39
CA PHE A 207 -18.20 -17.17 -41.57
C PHE A 207 -17.29 -16.79 -42.74
N ASP A 208 -17.89 -16.12 -43.72
CA ASP A 208 -17.19 -15.59 -44.88
C ASP A 208 -16.51 -14.25 -44.53
N MET A 209 -15.18 -14.25 -44.46
CA MET A 209 -14.44 -13.04 -44.08
C MET A 209 -14.66 -11.85 -45.03
N GLU A 210 -15.17 -12.12 -46.23
CA GLU A 210 -15.46 -11.05 -47.18
C GLU A 210 -16.54 -10.08 -46.70
N GLN A 211 -17.32 -10.50 -45.70
CA GLN A 211 -18.30 -9.64 -45.04
C GLN A 211 -17.68 -8.44 -44.39
N LEU A 212 -16.40 -8.59 -44.00
CA LEU A 212 -15.70 -7.54 -43.28
C LEU A 212 -15.12 -6.48 -44.20
N LYS A 213 -15.17 -6.70 -45.51
CA LYS A 213 -14.75 -5.70 -46.48
C LYS A 213 -15.47 -4.37 -46.21
N ASP A 214 -14.67 -3.31 -46.09
CA ASP A 214 -15.16 -1.94 -45.87
C ASP A 214 -15.93 -1.74 -44.56
N SER A 215 -15.73 -2.65 -43.60
CA SER A 215 -16.51 -2.61 -42.36
C SER A 215 -15.85 -1.89 -41.20
N ILE A 216 -14.54 -1.65 -41.29
CA ILE A 216 -13.75 -1.13 -40.16
C ILE A 216 -13.57 0.38 -40.23
N ASP A 217 -13.74 1.07 -39.11
CA ASP A 217 -13.37 2.48 -39.03
C ASP A 217 -11.88 2.60 -38.67
N ARG A 218 -11.08 2.88 -39.69
CA ARG A 218 -9.62 2.90 -39.57
C ARG A 218 -9.13 4.07 -38.70
N GLU A 219 -10.01 5.04 -38.44
CA GLU A 219 -9.69 6.15 -37.55
C GLU A 219 -9.93 5.82 -36.09
N LYS A 220 -10.58 4.69 -35.82
CA LYS A 220 -11.05 4.42 -34.46
C LYS A 220 -10.61 3.04 -34.02
N ILE A 221 -9.31 2.92 -33.75
CA ILE A 221 -8.69 1.65 -33.39
C ILE A 221 -8.04 1.78 -32.02
N ALA A 222 -8.29 0.81 -31.14
CA ALA A 222 -7.69 0.83 -29.80
C ALA A 222 -7.15 -0.54 -29.45
N VAL A 223 -6.25 -0.59 -28.46
CA VAL A 223 -5.77 -1.86 -27.93
C VAL A 223 -6.14 -1.94 -26.44
N ILE A 224 -6.65 -3.10 -26.01
CA ILE A 224 -7.06 -3.30 -24.62
C ILE A 224 -6.49 -4.65 -24.20
N GLY A 225 -6.17 -4.83 -22.93
CA GLY A 225 -5.59 -6.09 -22.53
C GLY A 225 -5.60 -6.25 -21.03
N HIS A 226 -5.59 -7.51 -20.58
CA HIS A 226 -5.62 -7.79 -19.15
C HIS A 226 -4.22 -8.30 -18.77
N SER A 227 -3.57 -7.65 -17.42
CA SER A 227 -2.48 -8.21 -16.63
C SER A 227 -1.29 -8.42 -17.54
N PHE A 228 -0.67 -9.56 -18.16
CA PHE A 228 0.35 -9.55 -19.23
C PHE A 228 -0.17 -8.75 -20.43
N GLY A 229 -1.48 -8.83 -20.68
CA GLY A 229 -2.12 -8.09 -21.76
C GLY A 229 -2.10 -6.58 -21.59
N GLY A 230 -2.06 -6.13 -20.34
CA GLY A 230 -1.95 -4.72 -20.02
C GLY A 230 -0.56 -4.22 -20.36
N ALA A 231 0.46 -5.01 -20.01
CA ALA A 231 1.83 -4.68 -20.45
C ALA A 231 1.87 -4.66 -21.99
N THR A 232 1.16 -5.60 -22.62
CA THR A 232 1.10 -5.69 -24.08
C THR A 232 0.49 -4.43 -24.68
N VAL A 233 -0.57 -3.90 -24.06
CA VAL A 233 -1.15 -2.63 -24.48
C VAL A 233 -0.06 -1.56 -24.58
N ILE A 234 0.72 -1.45 -23.52
CA ILE A 234 1.73 -0.38 -23.41
C ILE A 234 2.83 -0.58 -24.48
N GLN A 235 3.34 -1.81 -24.59
CA GLN A 235 4.34 -2.13 -25.62
C GLN A 235 3.81 -1.83 -27.01
N THR A 236 2.57 -2.23 -27.26
CA THR A 236 1.97 -2.05 -28.60
C THR A 236 1.82 -0.58 -28.94
N LEU A 237 1.28 0.22 -28.01
CA LEU A 237 1.15 1.67 -28.26
C LEU A 237 2.49 2.31 -28.59
N SER A 238 3.53 1.86 -27.89
CA SER A 238 4.89 2.42 -28.07
C SER A 238 5.46 2.12 -29.46
N GLU A 239 4.92 1.09 -30.11
CA GLU A 239 5.44 0.57 -31.39
C GLU A 239 4.57 0.87 -32.61
N ASP A 240 3.30 1.17 -32.38
CA ASP A 240 2.32 1.16 -33.47
C ASP A 240 1.28 2.27 -33.29
N GLN A 241 1.48 3.39 -33.98
CA GLN A 241 0.58 4.54 -33.85
C GLN A 241 -0.78 4.36 -34.53
N ARG A 242 -1.01 3.21 -35.18
CA ARG A 242 -2.35 2.97 -35.71
C ARG A 242 -3.33 2.82 -34.55
N PHE A 243 -2.82 2.38 -33.41
CA PHE A 243 -3.64 2.29 -32.20
C PHE A 243 -3.70 3.67 -31.57
N ARG A 244 -4.90 4.20 -31.43
CA ARG A 244 -5.08 5.58 -31.02
C ARG A 244 -5.16 5.80 -29.50
N CYS A 245 -5.48 4.75 -28.75
CA CYS A 245 -5.49 4.80 -27.29
C CYS A 245 -5.44 3.37 -26.77
N GLY A 246 -5.13 3.23 -25.49
CA GLY A 246 -5.06 1.87 -24.90
C GLY A 246 -5.74 1.87 -23.55
N ILE A 247 -6.26 0.70 -23.18
CA ILE A 247 -6.81 0.51 -21.84
C ILE A 247 -6.18 -0.75 -21.27
N ALA A 248 -5.48 -0.58 -20.15
CA ALA A 248 -4.78 -1.66 -19.49
C ALA A 248 -5.58 -2.08 -18.26
N LEU A 249 -5.97 -3.35 -18.22
CA LEU A 249 -6.77 -3.87 -17.13
C LEU A 249 -5.85 -4.66 -16.19
N ASP A 250 -5.65 -4.12 -14.98
CA ASP A 250 -4.71 -4.67 -14.02
C ASP A 250 -3.38 -5.01 -14.67
N ALA A 251 -2.79 -4.06 -15.39
CA ALA A 251 -1.51 -4.28 -16.05
C ALA A 251 -0.48 -4.84 -15.10
N TRP A 252 0.29 -5.80 -15.61
CA TRP A 252 1.44 -6.35 -14.90
C TRP A 252 2.65 -5.80 -15.64
N MET A 253 3.39 -4.91 -14.98
CA MET A 253 4.36 -4.04 -15.64
C MET A 253 5.76 -4.65 -15.78
N PHE A 254 6.00 -5.72 -15.05
CA PHE A 254 7.34 -6.36 -14.99
C PHE A 254 7.99 -6.59 -16.36
N PRO A 255 7.23 -7.07 -17.36
CA PRO A 255 7.87 -7.35 -18.67
C PRO A 255 8.49 -6.16 -19.41
N LEU A 256 8.05 -4.95 -19.10
CA LEU A 256 8.37 -3.77 -19.91
C LEU A 256 9.77 -3.22 -19.65
N GLY A 257 10.45 -2.83 -20.72
CA GLY A 257 11.71 -2.10 -20.59
C GLY A 257 11.47 -0.61 -20.40
N ASP A 258 12.45 0.07 -19.81
CA ASP A 258 12.33 1.50 -19.51
C ASP A 258 12.14 2.37 -20.74
N GLU A 259 12.55 1.87 -21.89
CA GLU A 259 12.48 2.66 -23.13
C GLU A 259 11.06 2.99 -23.59
N VAL A 260 10.06 2.24 -23.11
CA VAL A 260 8.71 2.34 -23.69
C VAL A 260 7.97 3.65 -23.32
N TYR A 261 8.20 4.14 -22.11
CA TYR A 261 7.38 5.23 -21.55
C TYR A 261 7.35 6.52 -22.37
N SER A 262 8.52 6.95 -22.80
CA SER A 262 8.64 8.18 -23.55
C SER A 262 8.10 8.07 -24.97
N ARG A 263 7.74 6.85 -25.39
CA ARG A 263 7.36 6.59 -26.77
C ARG A 263 5.84 6.43 -26.95
N ILE A 264 5.07 6.77 -25.91
CA ILE A 264 3.61 6.60 -25.94
C ILE A 264 2.89 7.95 -25.86
N PRO A 265 2.71 8.63 -27.00
CA PRO A 265 1.93 9.85 -26.99
C PRO A 265 0.42 9.60 -26.78
N GLN A 266 -0.05 8.38 -27.08
CA GLN A 266 -1.49 8.07 -27.04
C GLN A 266 -2.04 8.03 -25.61
N PRO A 267 -3.31 8.43 -25.44
CA PRO A 267 -4.00 8.26 -24.15
C PRO A 267 -4.02 6.82 -23.64
N LEU A 268 -3.87 6.68 -22.34
CA LEU A 268 -3.77 5.36 -21.71
C LEU A 268 -4.56 5.39 -20.41
N PHE A 269 -5.38 4.36 -20.21
CA PHE A 269 -6.26 4.25 -19.05
C PHE A 269 -5.89 2.98 -18.31
N PHE A 270 -5.58 3.13 -17.02
CA PHE A 270 -5.34 1.99 -16.14
C PHE A 270 -6.58 1.72 -15.32
N ILE A 271 -7.17 0.54 -15.49
CA ILE A 271 -8.25 0.10 -14.59
C ILE A 271 -7.71 -1.08 -13.75
N ASN A 272 -7.56 -0.86 -12.44
CA ASN A 272 -6.90 -1.81 -11.55
C ASN A 272 -7.88 -2.53 -10.61
N SER A 273 -7.51 -3.73 -10.15
CA SER A 273 -8.25 -4.35 -9.03
C SER A 273 -7.66 -3.86 -7.72
N GLU A 274 -8.44 -3.99 -6.65
CA GLU A 274 -7.96 -3.57 -5.33
C GLU A 274 -6.86 -4.49 -4.84
N TYR A 275 -7.00 -5.78 -5.10
CA TYR A 275 -6.16 -6.77 -4.41
C TYR A 275 -4.95 -7.26 -5.19
N PHE A 276 -4.90 -7.01 -6.49
CA PHE A 276 -3.73 -7.49 -7.24
C PHE A 276 -2.50 -6.59 -7.05
N GLN A 277 -2.74 -5.27 -7.07
CA GLN A 277 -1.65 -4.32 -7.25
C GLN A 277 -0.70 -4.27 -6.06
N TYR A 278 0.54 -3.90 -6.37
CA TYR A 278 1.60 -3.85 -5.39
C TYR A 278 2.53 -2.67 -5.74
N PRO A 279 3.26 -2.14 -4.74
CA PRO A 279 4.03 -0.90 -4.96
C PRO A 279 4.96 -0.90 -6.16
N ALA A 280 5.76 -1.95 -6.37
CA ALA A 280 6.68 -1.95 -7.49
C ALA A 280 5.96 -1.82 -8.81
N ASN A 281 4.76 -2.39 -8.88
CA ASN A 281 3.97 -2.32 -10.11
C ASN A 281 3.37 -0.93 -10.32
N ILE A 282 2.80 -0.38 -9.25
CA ILE A 282 2.24 0.98 -9.28
C ILE A 282 3.29 2.02 -9.67
N ILE A 283 4.50 1.87 -9.13
CA ILE A 283 5.58 2.79 -9.48
C ILE A 283 5.88 2.77 -11.00
N LYS A 284 5.85 1.60 -11.62
CA LYS A 284 6.03 1.53 -13.08
C LYS A 284 4.85 2.16 -13.84
N MET A 285 3.63 1.99 -13.33
CA MET A 285 2.50 2.72 -13.91
C MET A 285 2.73 4.22 -13.86
N LYS A 286 3.26 4.69 -12.73
CA LYS A 286 3.49 6.12 -12.56
C LYS A 286 4.55 6.65 -13.54
N LYS A 287 5.46 5.78 -13.96
CA LYS A 287 6.46 6.13 -14.96
C LYS A 287 5.82 6.52 -16.29
N CYS A 288 4.56 6.10 -16.47
CA CYS A 288 3.83 6.43 -17.70
C CYS A 288 3.28 7.84 -17.64
N TYR A 289 3.22 8.43 -16.45
CA TYR A 289 2.62 9.76 -16.32
C TYR A 289 3.63 10.81 -16.74
N SER A 290 3.14 11.75 -17.52
CA SER A 290 3.89 12.94 -17.92
C SER A 290 2.86 14.05 -18.20
N PRO A 291 3.19 15.32 -17.88
CA PRO A 291 2.26 16.41 -18.14
C PRO A 291 1.76 16.48 -19.58
N ASP A 292 2.57 16.03 -20.55
CA ASP A 292 2.17 16.09 -21.97
C ASP A 292 1.36 14.89 -22.44
N LYS A 293 1.01 13.97 -21.52
CA LYS A 293 0.33 12.72 -21.90
C LYS A 293 -0.96 12.57 -21.10
N GLU A 294 -2.00 12.04 -21.74
CA GLU A 294 -3.27 11.82 -21.06
C GLU A 294 -3.25 10.46 -20.40
N ARG A 295 -3.29 10.45 -19.07
CA ARG A 295 -3.28 9.20 -18.31
C ARG A 295 -4.35 9.26 -17.28
N LYS A 296 -5.09 8.16 -17.17
CA LYS A 296 -6.08 8.03 -16.10
C LYS A 296 -5.93 6.69 -15.40
N MET A 297 -6.27 6.65 -14.12
CA MET A 297 -6.23 5.41 -13.33
C MET A 297 -7.40 5.36 -12.36
N ILE A 298 -8.04 4.21 -12.31
CA ILE A 298 -9.06 3.93 -11.29
C ILE A 298 -8.81 2.54 -10.71
N THR A 299 -9.34 2.31 -9.53
CA THR A 299 -9.23 1.02 -8.88
C THR A 299 -10.64 0.58 -8.53
N ILE A 300 -10.96 -0.67 -8.83
CA ILE A 300 -12.27 -1.19 -8.51
C ILE A 300 -12.25 -1.75 -7.09
N ARG A 301 -13.07 -1.19 -6.23
CA ARG A 301 -13.13 -1.64 -4.83
C ARG A 301 -13.48 -3.12 -4.71
N GLY A 302 -12.78 -3.85 -3.86
CA GLY A 302 -13.13 -5.24 -3.54
C GLY A 302 -12.87 -6.27 -4.62
N SER A 303 -12.07 -5.91 -5.62
CA SER A 303 -11.84 -6.79 -6.75
C SER A 303 -10.47 -7.45 -6.73
N VAL A 304 -10.38 -8.58 -7.43
CA VAL A 304 -9.13 -9.32 -7.65
C VAL A 304 -8.82 -9.32 -9.17
N HIS A 305 -7.60 -9.70 -9.57
CA HIS A 305 -7.27 -9.60 -11.00
C HIS A 305 -8.19 -10.48 -11.84
N GLN A 306 -8.68 -11.58 -11.27
CA GLN A 306 -9.58 -12.46 -12.05
C GLN A 306 -10.95 -11.85 -12.34
N ASN A 307 -11.29 -10.72 -11.70
CA ASN A 307 -12.55 -10.04 -11.99
C ASN A 307 -12.68 -9.60 -13.46
N PHE A 308 -11.55 -9.45 -14.14
CA PHE A 308 -11.59 -9.05 -15.55
C PHE A 308 -11.79 -10.21 -16.52
N ALA A 309 -11.58 -11.43 -16.05
CA ALA A 309 -11.64 -12.62 -16.92
C ALA A 309 -12.91 -13.41 -16.67
N ASP A 310 -13.28 -14.25 -17.64
CA ASP A 310 -14.59 -14.92 -17.62
C ASP A 310 -14.75 -15.96 -16.49
N PHE A 311 -13.64 -16.48 -15.95
CA PHE A 311 -13.79 -17.45 -14.87
C PHE A 311 -14.45 -16.87 -13.62
N THR A 312 -14.48 -15.55 -13.52
CA THR A 312 -15.21 -14.89 -12.43
C THR A 312 -16.72 -15.16 -12.48
N PHE A 313 -17.19 -15.66 -13.63
CA PHE A 313 -18.63 -15.99 -13.80
C PHE A 313 -18.89 -17.49 -13.80
N ALA A 314 -17.83 -18.28 -13.76
CA ALA A 314 -17.93 -19.72 -14.03
C ALA A 314 -18.42 -20.52 -12.83
N THR A 315 -18.20 -20.00 -11.62
CA THR A 315 -18.57 -20.69 -10.37
C THR A 315 -19.46 -19.84 -9.46
N GLY A 316 -19.97 -20.46 -8.40
CA GLY A 316 -20.78 -19.75 -7.40
C GLY A 316 -19.96 -18.79 -6.55
N LYS A 317 -20.64 -17.96 -5.76
CA LYS A 317 -20.00 -16.92 -4.94
C LYS A 317 -18.98 -17.48 -3.95
N ILE A 318 -19.38 -18.49 -3.19
CA ILE A 318 -18.52 -19.03 -2.14
C ILE A 318 -17.27 -19.72 -2.70
N ILE A 319 -17.47 -20.63 -3.65
CA ILE A 319 -16.34 -21.30 -4.32
C ILE A 319 -15.46 -20.30 -5.07
N GLY A 320 -16.08 -19.34 -5.75
CA GLY A 320 -15.32 -18.35 -6.51
C GLY A 320 -14.42 -17.53 -5.61
N HIS A 321 -14.96 -17.13 -4.45
CA HIS A 321 -14.16 -16.36 -3.50
C HIS A 321 -12.99 -17.19 -2.96
N MET A 322 -13.25 -18.47 -2.66
CA MET A 322 -12.19 -19.37 -2.16
C MET A 322 -11.07 -19.57 -3.16
N LEU A 323 -11.43 -19.64 -4.45
CA LEU A 323 -10.45 -19.87 -5.51
C LEU A 323 -9.85 -18.57 -6.06
N LYS A 324 -10.26 -17.45 -5.47
CA LYS A 324 -9.86 -16.11 -5.88
C LYS A 324 -10.21 -15.80 -7.33
N LEU A 325 -11.30 -16.41 -7.79
CA LEU A 325 -11.92 -16.04 -9.06
C LEU A 325 -12.88 -14.87 -8.86
N LYS A 326 -13.34 -14.68 -7.62
CA LYS A 326 -14.20 -13.56 -7.29
C LYS A 326 -13.61 -12.78 -6.14
N GLY A 327 -13.90 -11.49 -6.09
CA GLY A 327 -13.53 -10.66 -4.95
C GLY A 327 -14.73 -10.48 -4.02
N ASP A 328 -14.64 -9.47 -3.15
CA ASP A 328 -15.77 -9.07 -2.31
C ASP A 328 -16.90 -8.44 -3.10
N ILE A 329 -16.55 -7.72 -4.15
CA ILE A 329 -17.52 -7.06 -5.01
C ILE A 329 -18.23 -8.10 -5.86
N ASP A 330 -19.48 -7.82 -6.21
CA ASP A 330 -20.19 -8.67 -7.18
C ASP A 330 -19.52 -8.60 -8.57
N SER A 331 -19.37 -9.76 -9.24
CA SER A 331 -18.64 -9.82 -10.50
C SER A 331 -19.30 -9.03 -11.61
N ASN A 332 -20.64 -9.01 -11.65
CA ASN A 332 -21.31 -8.16 -12.64
C ASN A 332 -21.15 -6.67 -12.36
N VAL A 333 -21.21 -6.27 -11.08
CA VAL A 333 -20.96 -4.87 -10.71
C VAL A 333 -19.56 -4.49 -11.20
N ALA A 334 -18.57 -5.34 -10.95
CA ALA A 334 -17.19 -4.98 -11.29
C ALA A 334 -16.98 -4.88 -12.81
N ILE A 335 -17.45 -5.88 -13.55
CA ILE A 335 -17.24 -5.84 -14.99
C ILE A 335 -18.03 -4.72 -15.65
N ASP A 336 -19.20 -4.39 -15.09
CA ASP A 336 -19.99 -3.28 -15.63
C ASP A 336 -19.22 -1.95 -15.45
N LEU A 337 -18.56 -1.78 -14.29
CA LEU A 337 -17.78 -0.57 -14.06
C LEU A 337 -16.62 -0.51 -15.04
N SER A 338 -15.91 -1.62 -15.21
CA SER A 338 -14.76 -1.64 -16.11
C SER A 338 -15.23 -1.37 -17.54
N ASN A 339 -16.31 -2.04 -17.93
CA ASN A 339 -16.81 -1.91 -19.31
C ASN A 339 -17.35 -0.51 -19.60
N LYS A 340 -18.06 0.08 -18.64
CA LYS A 340 -18.65 1.42 -18.86
C LYS A 340 -17.57 2.50 -18.86
N ALA A 341 -16.64 2.41 -17.91
CA ALA A 341 -15.50 3.33 -17.90
C ALA A 341 -14.73 3.22 -19.20
N SER A 342 -14.52 1.98 -19.66
CA SER A 342 -13.84 1.78 -20.93
C SER A 342 -14.58 2.45 -22.09
N LEU A 343 -15.90 2.25 -22.18
CA LEU A 343 -16.69 2.87 -23.23
C LEU A 343 -16.55 4.38 -23.23
N ALA A 344 -16.61 5.00 -22.05
CA ALA A 344 -16.44 6.46 -21.93
C ALA A 344 -15.06 6.89 -22.43
N PHE A 345 -14.03 6.16 -22.03
CA PHE A 345 -12.67 6.50 -22.41
C PHE A 345 -12.49 6.36 -23.91
N LEU A 346 -13.00 5.28 -24.49
CA LEU A 346 -12.96 5.06 -25.93
C LEU A 346 -13.73 6.12 -26.69
N GLN A 347 -14.90 6.52 -26.19
CA GLN A 347 -15.62 7.63 -26.85
C GLN A 347 -14.77 8.90 -26.88
N LYS A 348 -14.19 9.24 -25.73
CA LYS A 348 -13.39 10.46 -25.57
C LYS A 348 -12.21 10.47 -26.54
N HIS A 349 -11.48 9.35 -26.60
CA HIS A 349 -10.21 9.33 -27.34
C HIS A 349 -10.24 8.76 -28.74
N LEU A 350 -11.35 8.15 -29.12
CA LEU A 350 -11.55 7.76 -30.53
C LEU A 350 -12.49 8.71 -31.26
N GLY A 351 -13.10 9.62 -30.52
CA GLY A 351 -14.07 10.56 -31.07
C GLY A 351 -15.35 9.89 -31.54
N LEU A 352 -15.89 8.96 -30.74
CA LEU A 352 -17.14 8.29 -31.08
C LEU A 352 -18.35 9.19 -30.87
N HIS A 353 -19.35 9.06 -31.73
CA HIS A 353 -20.55 9.89 -31.63
C HIS A 353 -21.67 9.09 -31.01
N LYS A 354 -21.39 8.56 -29.83
CA LYS A 354 -22.34 7.76 -29.10
C LYS A 354 -22.68 8.46 -27.80
N ASP A 355 -23.28 7.74 -26.86
CA ASP A 355 -23.68 8.33 -25.59
C ASP A 355 -22.86 7.79 -24.41
N PHE A 356 -21.65 7.31 -24.69
CA PHE A 356 -20.83 6.68 -23.63
C PHE A 356 -20.27 7.72 -22.66
N ASP A 357 -20.36 8.99 -23.05
CA ASP A 357 -19.92 10.08 -22.16
C ASP A 357 -20.79 10.18 -20.90
N GLN A 358 -21.93 9.50 -20.89
CA GLN A 358 -22.73 9.35 -19.69
C GLN A 358 -21.96 8.71 -18.51
N TRP A 359 -20.86 8.03 -18.84
CA TRP A 359 -20.03 7.35 -17.83
C TRP A 359 -18.69 8.06 -17.64
N ASP A 360 -18.60 9.32 -18.06
CA ASP A 360 -17.36 10.07 -17.90
C ASP A 360 -16.90 10.09 -16.45
N CYS A 361 -17.83 10.16 -15.51
CA CYS A 361 -17.44 10.23 -14.09
C CYS A 361 -16.68 8.98 -13.65
N LEU A 362 -16.92 7.86 -14.34
CA LEU A 362 -16.22 6.61 -13.99
C LEU A 362 -14.74 6.65 -14.34
N ILE A 363 -14.39 7.39 -15.39
CA ILE A 363 -12.96 7.58 -15.70
C ILE A 363 -12.26 8.30 -14.54
N GLU A 364 -13.02 9.13 -13.84
CA GLU A 364 -12.46 9.89 -12.72
C GLU A 364 -12.58 9.13 -11.40
N GLY A 365 -13.08 7.89 -11.45
CA GLY A 365 -13.22 7.05 -10.27
C GLY A 365 -14.30 7.49 -9.31
N ASP A 366 -15.27 8.22 -9.85
CA ASP A 366 -16.36 8.77 -9.05
C ASP A 366 -17.57 7.84 -9.01
N ASP A 367 -17.50 6.87 -8.09
CA ASP A 367 -18.54 5.86 -7.91
C ASP A 367 -18.31 5.22 -6.57
N GLU A 368 -19.37 4.73 -5.93
CA GLU A 368 -19.25 4.06 -4.63
C GLU A 368 -18.32 2.85 -4.64
N ASN A 369 -18.17 2.22 -5.81
CA ASN A 369 -17.29 1.06 -5.94
C ASN A 369 -15.98 1.32 -6.69
N LEU A 370 -15.61 2.60 -6.84
CA LEU A 370 -14.35 2.96 -7.46
C LEU A 370 -13.53 3.85 -6.54
N ILE A 371 -12.22 3.91 -6.84
CA ILE A 371 -11.23 4.79 -6.19
C ILE A 371 -10.55 5.54 -7.34
N PRO A 372 -10.49 6.89 -7.30
CA PRO A 372 -9.61 7.55 -8.25
C PRO A 372 -8.17 7.20 -7.91
N GLY A 373 -7.37 6.87 -8.92
CA GLY A 373 -5.96 6.52 -8.68
C GLY A 373 -5.87 5.14 -8.06
N THR A 374 -5.13 5.02 -6.95
CA THR A 374 -4.86 3.74 -6.33
C THR A 374 -4.96 3.79 -4.80
N ASN A 375 -5.23 2.64 -4.21
CA ASN A 375 -5.17 2.44 -2.76
C ASN A 375 -3.77 2.08 -2.27
N ILE A 376 -2.87 1.79 -3.21
CA ILE A 376 -1.53 1.35 -2.85
C ILE A 376 -0.66 2.55 -2.55
N ASN A 377 0.05 2.47 -1.43
CA ASN A 377 0.94 3.55 -1.05
C ASN A 377 2.36 3.34 -1.54
N THR A 378 2.92 4.38 -2.12
CA THR A 378 4.33 4.42 -2.47
C THR A 378 4.86 5.87 -2.44
N THR A 379 4.89 6.44 -1.24
CA THR A 379 5.38 7.81 -1.03
C THR A 379 6.89 7.99 -1.26
N ALA B 3 -34.02 3.41 19.89
CA ALA B 3 -33.38 4.09 21.06
C ALA B 3 -33.12 5.60 20.83
N SER B 4 -32.14 5.95 19.99
CA SER B 4 -31.86 7.36 19.71
C SER B 4 -32.87 7.95 18.73
N PHE B 5 -33.07 9.26 18.78
CA PHE B 5 -34.00 9.91 17.86
C PHE B 5 -33.61 11.37 17.69
N GLY B 6 -34.02 11.97 16.58
CA GLY B 6 -33.63 13.35 16.24
C GLY B 6 -34.15 14.35 17.26
N GLN B 7 -33.32 15.33 17.63
CA GLN B 7 -33.74 16.36 18.59
C GLN B 7 -33.38 17.76 18.09
N THR B 8 -32.11 17.98 17.81
CA THR B 8 -31.61 19.31 17.42
C THR B 8 -31.12 19.21 15.97
N LYS B 9 -30.97 20.36 15.29
CA LYS B 9 -30.38 20.37 13.95
C LYS B 9 -28.96 19.85 13.95
N ILE B 10 -28.17 20.28 14.92
CA ILE B 10 -26.81 19.73 15.12
C ILE B 10 -26.96 18.37 15.79
N PRO B 11 -26.33 17.27 15.21
CA PRO B 11 -26.64 15.93 15.66
C PRO B 11 -26.12 15.68 17.09
N ARG B 12 -26.89 14.94 17.87
CA ARG B 12 -26.38 14.44 19.13
C ARG B 12 -25.23 13.47 18.93
N GLY B 13 -24.44 13.29 19.98
CA GLY B 13 -23.32 12.36 19.93
C GLY B 13 -23.83 10.94 19.74
N ASN B 14 -23.06 10.11 19.06
CA ASN B 14 -23.41 8.71 18.84
C ASN B 14 -23.01 7.79 19.99
N GLY B 15 -22.24 8.32 20.94
CA GLY B 15 -21.67 7.52 22.02
C GLY B 15 -22.64 7.32 23.17
N PRO B 16 -22.25 6.51 24.17
CA PRO B 16 -23.18 6.17 25.25
C PRO B 16 -23.47 7.25 26.28
N TYR B 17 -22.62 8.29 26.34
CA TYR B 17 -22.75 9.32 27.37
C TYR B 17 -23.52 10.55 26.93
N SER B 18 -24.31 11.11 27.85
CA SER B 18 -24.79 12.47 27.68
C SER B 18 -23.59 13.40 27.81
N VAL B 19 -23.76 14.62 27.28
CA VAL B 19 -22.63 15.54 27.17
C VAL B 19 -22.99 16.85 27.84
N GLY B 20 -22.08 17.37 28.67
CA GLY B 20 -22.25 18.71 29.21
C GLY B 20 -21.35 19.71 28.49
N CYS B 21 -21.59 20.98 28.74
CA CYS B 21 -20.79 22.03 28.08
C CYS B 21 -20.68 23.23 29.01
N THR B 22 -19.49 23.82 29.05
CA THR B 22 -19.31 25.10 29.74
C THR B 22 -18.22 25.91 29.04
N ASP B 23 -18.04 27.16 29.44
CA ASP B 23 -16.96 28.02 28.90
C ASP B 23 -15.99 28.39 30.02
N LEU B 24 -14.73 28.54 29.64
CA LEU B 24 -13.66 28.89 30.59
C LEU B 24 -12.76 29.95 29.96
N MET B 25 -12.56 31.07 30.68
CA MET B 25 -11.59 32.07 30.25
C MET B 25 -10.64 32.33 31.41
N PHE B 26 -9.36 32.06 31.20
CA PHE B 26 -8.34 32.39 32.21
C PHE B 26 -6.94 32.51 31.59
N ASP B 27 -6.23 33.62 31.83
CA ASP B 27 -6.76 34.84 32.47
C ASP B 27 -7.74 35.62 31.57
N HIS B 28 -8.08 36.85 31.97
CA HIS B 28 -9.06 37.68 31.26
C HIS B 28 -8.54 38.42 30.04
N THR B 29 -7.24 38.30 29.76
CA THR B 29 -6.58 39.19 28.78
C THR B 29 -6.58 38.62 27.38
N ASN B 30 -6.13 39.43 26.42
CA ASN B 30 -5.99 38.97 25.04
C ASN B 30 -4.93 37.86 24.87
N LYS B 31 -4.18 37.60 25.94
CA LYS B 31 -3.17 36.53 25.95
C LYS B 31 -3.56 35.35 26.87
N GLY B 32 -4.73 35.43 27.49
CA GLY B 32 -5.23 34.32 28.30
C GLY B 32 -5.81 33.21 27.43
N THR B 33 -6.28 32.15 28.08
CA THR B 33 -6.95 31.02 27.40
C THR B 33 -8.47 31.22 27.42
N PHE B 34 -9.11 31.00 26.27
CA PHE B 34 -10.57 31.00 26.17
C PHE B 34 -10.92 29.71 25.48
N LEU B 35 -11.76 28.90 26.11
CA LEU B 35 -12.17 27.63 25.49
C LEU B 35 -13.59 27.27 25.86
N ARG B 36 -14.22 26.48 24.99
CA ARG B 36 -15.48 25.82 25.31
C ARG B 36 -15.19 24.35 25.58
N LEU B 37 -15.71 23.85 26.70
CA LEU B 37 -15.43 22.49 27.15
C LEU B 37 -16.64 21.64 26.88
N TYR B 38 -16.44 20.48 26.25
CA TYR B 38 -17.47 19.45 26.18
C TYR B 38 -16.97 18.25 26.98
N TYR B 39 -17.87 17.56 27.70
CA TYR B 39 -17.43 16.51 28.61
C TYR B 39 -18.57 15.54 28.89
N PRO B 40 -18.24 14.29 29.27
CA PRO B 40 -19.29 13.33 29.63
C PRO B 40 -20.00 13.82 30.88
N SER B 41 -21.32 13.76 30.88
CA SER B 41 -22.09 14.23 32.01
C SER B 41 -23.05 13.14 32.45
N GLN B 42 -23.64 13.30 33.62
CA GLN B 42 -24.57 12.28 34.08
C GLN B 42 -25.99 12.71 33.74
N ASP B 43 -26.19 14.02 33.71
CA ASP B 43 -27.50 14.60 33.40
C ASP B 43 -27.72 14.55 31.88
N ASN B 44 -28.90 14.07 31.45
CA ASN B 44 -29.24 13.95 30.00
C ASN B 44 -30.37 14.87 29.55
N ASP B 45 -31.11 15.41 30.50
CA ASP B 45 -32.29 16.16 30.12
C ASP B 45 -32.04 17.17 28.99
N ARG B 46 -31.09 18.09 29.18
CA ARG B 46 -31.48 19.47 28.87
C ARG B 46 -31.25 20.01 27.46
N LEU B 47 -30.16 19.62 26.81
CA LEU B 47 -29.87 20.05 25.44
C LEU B 47 -30.08 21.57 25.27
N ASP B 48 -29.45 22.35 26.13
CA ASP B 48 -29.77 23.77 26.24
C ASP B 48 -28.58 24.71 26.08
N THR B 49 -27.51 24.21 25.50
CA THR B 49 -26.34 25.07 25.27
C THR B 49 -26.60 25.93 24.04
N LEU B 50 -26.47 27.23 24.21
CA LEU B 50 -26.73 28.18 23.15
C LEU B 50 -25.55 28.11 22.16
N TRP B 51 -25.87 28.02 20.88
CA TRP B 51 -24.83 27.72 19.88
C TRP B 51 -23.89 28.91 19.64
N ILE B 52 -24.46 30.08 19.40
CA ILE B 52 -23.66 31.29 19.15
C ILE B 52 -24.15 32.32 20.16
N PRO B 53 -23.41 32.46 21.26
CA PRO B 53 -23.90 33.10 22.48
C PRO B 53 -23.75 34.63 22.61
N ASN B 54 -23.32 35.33 21.55
CA ASN B 54 -23.14 36.80 21.61
C ASN B 54 -23.43 37.40 20.26
N LYS B 55 -24.06 38.58 20.25
CA LYS B 55 -24.44 39.25 19.00
C LYS B 55 -23.22 39.56 18.16
N GLU B 56 -22.11 39.87 18.81
CA GLU B 56 -20.88 40.26 18.11
C GLU B 56 -20.32 39.15 17.21
N TYR B 57 -20.61 37.89 17.53
CA TYR B 57 -20.18 36.79 16.62
C TYR B 57 -20.89 36.86 15.29
N PHE B 58 -22.14 37.29 15.32
CA PHE B 58 -22.90 37.43 14.08
C PHE B 58 -22.38 38.62 13.28
N TRP B 59 -22.06 39.71 13.97
CA TRP B 59 -21.42 40.86 13.32
C TRP B 59 -20.09 40.42 12.65
N GLY B 60 -19.31 39.65 13.40
CA GLY B 60 -18.02 39.12 12.93
C GLY B 60 -18.18 38.25 11.69
N LEU B 61 -19.23 37.41 11.69
CA LEU B 61 -19.47 36.50 10.57
C LEU B 61 -19.83 37.33 9.32
N SER B 62 -20.61 38.38 9.51
CA SER B 62 -20.96 39.25 8.40
C SER B 62 -19.70 39.88 7.79
N LYS B 63 -18.82 40.37 8.65
CA LYS B 63 -17.56 41.00 8.23
C LYS B 63 -16.68 40.01 7.46
N PHE B 64 -16.56 38.79 8.01
CA PHE B 64 -15.82 37.73 7.37
C PHE B 64 -16.38 37.40 5.98
N LEU B 65 -17.71 37.37 5.87
CA LEU B 65 -18.37 37.03 4.62
C LEU B 65 -18.30 38.16 3.58
N GLY B 66 -17.95 39.36 4.03
CA GLY B 66 -17.83 40.53 3.14
C GLY B 66 -19.16 41.11 2.76
N THR B 67 -20.21 40.61 3.40
CA THR B 67 -21.60 41.03 3.17
C THR B 67 -21.87 42.41 3.77
N HIS B 68 -23.00 42.99 3.36
CA HIS B 68 -23.49 44.25 3.92
C HIS B 68 -23.79 44.09 5.41
N TRP B 69 -23.49 45.15 6.17
CA TRP B 69 -23.71 45.22 7.63
C TRP B 69 -25.01 44.57 8.14
N LEU B 70 -26.11 44.73 7.40
CA LEU B 70 -27.41 44.19 7.80
C LEU B 70 -27.44 42.67 7.89
N MET B 71 -26.51 42.00 7.20
CA MET B 71 -26.44 40.55 7.23
C MET B 71 -26.18 40.06 8.65
N GLY B 72 -25.38 40.81 9.42
CA GLY B 72 -25.12 40.46 10.82
C GLY B 72 -26.41 40.33 11.61
N ASN B 73 -27.26 41.35 11.48
CA ASN B 73 -28.59 41.34 12.07
C ASN B 73 -29.48 40.19 11.57
N ILE B 74 -29.41 39.88 10.28
CA ILE B 74 -30.21 38.79 9.72
C ILE B 74 -29.74 37.44 10.27
N LEU B 75 -28.44 37.23 10.27
CA LEU B 75 -27.86 36.02 10.83
C LEU B 75 -28.29 35.84 12.27
N ARG B 76 -28.32 36.94 13.03
CA ARG B 76 -28.69 36.86 14.43
C ARG B 76 -30.16 36.47 14.57
N LEU B 77 -31.00 37.03 13.70
CA LEU B 77 -32.43 36.70 13.70
C LEU B 77 -32.68 35.22 13.33
N LEU B 78 -31.94 34.72 12.35
CA LEU B 78 -32.09 33.34 11.90
C LEU B 78 -31.53 32.32 12.90
N PHE B 79 -30.39 32.64 13.51
CA PHE B 79 -29.63 31.62 14.26
C PHE B 79 -29.39 31.92 15.73
N GLY B 80 -29.83 33.10 16.19
CA GLY B 80 -29.57 33.53 17.56
C GLY B 80 -30.16 32.66 18.67
N SER B 81 -31.20 31.89 18.34
CA SER B 81 -31.87 31.05 19.35
C SER B 81 -31.47 29.58 19.23
N MET B 82 -30.64 29.27 18.23
CA MET B 82 -30.22 27.91 17.99
C MET B 82 -29.44 27.34 19.18
N THR B 83 -29.72 26.09 19.52
CA THR B 83 -29.01 25.39 20.56
C THR B 83 -28.25 24.21 19.97
N THR B 84 -27.38 23.63 20.80
CA THR B 84 -26.64 22.44 20.40
C THR B 84 -26.82 21.42 21.53
N PRO B 85 -26.80 20.11 21.21
CA PRO B 85 -27.28 19.08 22.17
C PRO B 85 -26.27 18.71 23.26
N ALA B 86 -25.98 19.70 24.11
CA ALA B 86 -25.15 19.52 25.28
C ALA B 86 -25.82 20.20 26.45
N ASN B 87 -25.57 19.69 27.64
CA ASN B 87 -26.27 20.19 28.83
C ASN B 87 -25.43 21.28 29.48
N TRP B 88 -25.92 22.49 29.45
CA TRP B 88 -25.15 23.65 29.88
C TRP B 88 -24.83 23.55 31.37
N ASN B 89 -23.54 23.55 31.72
CA ASN B 89 -23.08 23.55 33.12
C ASN B 89 -23.48 22.31 33.91
N SER B 90 -23.80 21.23 33.21
CA SER B 90 -24.13 19.98 33.90
C SER B 90 -22.88 19.40 34.58
N PRO B 91 -23.08 18.65 35.69
CA PRO B 91 -21.90 18.09 36.36
C PRO B 91 -21.15 17.09 35.48
N LEU B 92 -19.83 17.02 35.67
CA LEU B 92 -19.00 16.01 35.04
C LEU B 92 -19.37 14.62 35.53
N ARG B 93 -19.49 13.68 34.60
CA ARG B 93 -19.74 12.28 34.95
C ARG B 93 -18.55 11.70 35.73
N PRO B 94 -18.80 11.20 36.96
CA PRO B 94 -17.72 10.48 37.64
C PRO B 94 -17.43 9.19 36.89
N GLY B 95 -16.15 8.86 36.83
N GLY B 95 -16.16 8.80 36.86
CA GLY B 95 -15.72 7.67 36.13
CA GLY B 95 -15.76 7.53 36.22
C GLY B 95 -14.21 7.64 36.06
C GLY B 95 -14.29 7.15 36.35
N GLU B 96 -13.70 6.78 35.21
CA GLU B 96 -12.26 6.64 35.06
C GLU B 96 -11.72 7.89 34.37
N LYS B 97 -10.42 8.16 34.51
CA LYS B 97 -9.80 9.32 33.87
C LYS B 97 -10.13 9.35 32.37
N TYR B 98 -10.47 10.53 31.86
CA TYR B 98 -10.90 10.69 30.47
C TYR B 98 -9.78 11.16 29.56
N PRO B 99 -9.70 10.61 28.34
CA PRO B 99 -8.78 11.16 27.34
C PRO B 99 -9.23 12.58 26.98
N LEU B 100 -8.30 13.38 26.49
CA LEU B 100 -8.52 14.81 26.27
C LEU B 100 -8.14 15.20 24.85
N VAL B 101 -9.02 15.95 24.19
CA VAL B 101 -8.75 16.54 22.88
C VAL B 101 -8.74 18.06 23.02
N VAL B 102 -7.72 18.71 22.48
CA VAL B 102 -7.74 20.16 22.29
C VAL B 102 -8.10 20.39 20.82
N PHE B 103 -9.12 21.21 20.56
CA PHE B 103 -9.63 21.43 19.21
C PHE B 103 -9.42 22.86 18.75
N SER B 104 -8.88 23.01 17.54
CA SER B 104 -8.62 24.33 16.94
C SER B 104 -9.51 24.67 15.74
N HIS B 105 -10.18 25.82 15.82
CA HIS B 105 -11.13 26.25 14.80
C HIS B 105 -10.47 26.85 13.56
N GLY B 106 -11.24 26.94 12.48
CA GLY B 106 -10.73 27.50 11.23
C GLY B 106 -10.77 29.02 11.15
N LEU B 107 -10.29 29.54 10.03
CA LEU B 107 -10.36 30.97 9.76
C LEU B 107 -11.82 31.41 9.66
N GLY B 108 -12.19 32.48 10.36
CA GLY B 108 -13.54 32.99 10.27
C GLY B 108 -14.49 32.29 11.25
N ALA B 109 -13.98 31.27 11.93
CA ALA B 109 -14.82 30.57 12.91
C ALA B 109 -14.51 31.11 14.30
N PHE B 110 -14.91 30.35 15.32
CA PHE B 110 -14.68 30.62 16.74
C PHE B 110 -15.06 29.37 17.51
N ARG B 111 -14.99 29.41 18.85
CA ARG B 111 -14.91 28.16 19.59
C ARG B 111 -16.16 27.29 19.55
N THR B 112 -17.31 27.89 19.27
CA THR B 112 -18.57 27.16 19.47
C THR B 112 -19.06 26.45 18.21
N LEU B 113 -18.34 26.61 17.08
CA LEU B 113 -18.86 26.19 15.77
C LEU B 113 -18.51 24.75 15.36
N TYR B 114 -17.94 23.99 16.29
CA TYR B 114 -17.57 22.60 16.00
C TYR B 114 -18.13 21.67 17.06
N SER B 115 -19.34 21.99 17.48
CA SER B 115 -20.02 21.19 18.50
C SER B 115 -20.43 19.80 18.00
N ALA B 116 -20.71 19.63 16.70
CA ALA B 116 -21.04 18.28 16.21
C ALA B 116 -19.88 17.34 16.52
N ILE B 117 -18.66 17.82 16.26
CA ILE B 117 -17.45 17.07 16.58
C ILE B 117 -17.21 16.95 18.09
N GLY B 118 -17.25 18.07 18.81
CA GLY B 118 -16.95 18.06 20.23
C GLY B 118 -17.93 17.19 21.00
N ILE B 119 -19.21 17.30 20.67
CA ILE B 119 -20.26 16.52 21.36
C ILE B 119 -20.11 15.03 21.02
N ASP B 120 -19.85 14.71 19.76
CA ASP B 120 -19.64 13.29 19.46
C ASP B 120 -18.48 12.70 20.24
N LEU B 121 -17.36 13.41 20.27
CA LEU B 121 -16.21 12.93 21.05
C LEU B 121 -16.56 12.77 22.53
N ALA B 122 -17.20 13.77 23.10
CA ALA B 122 -17.54 13.73 24.53
C ALA B 122 -18.49 12.57 24.81
N SER B 123 -19.43 12.33 23.90
CA SER B 123 -20.40 11.22 24.08
C SER B 123 -19.71 9.84 24.09
N HIS B 124 -18.51 9.77 23.53
CA HIS B 124 -17.72 8.54 23.56
C HIS B 124 -16.67 8.52 24.68
N GLY B 125 -16.74 9.49 25.59
CA GLY B 125 -15.85 9.51 26.76
C GLY B 125 -14.62 10.40 26.73
N PHE B 126 -14.55 11.36 25.80
CA PHE B 126 -13.50 12.38 25.84
C PHE B 126 -13.96 13.63 26.55
N ILE B 127 -12.99 14.34 27.15
CA ILE B 127 -13.17 15.76 27.42
C ILE B 127 -12.57 16.51 26.24
N VAL B 128 -13.28 17.51 25.74
CA VAL B 128 -12.82 18.25 24.56
C VAL B 128 -12.76 19.73 24.91
N ALA B 129 -11.59 20.33 24.66
CA ALA B 129 -11.40 21.76 24.90
C ALA B 129 -11.29 22.46 23.57
N ALA B 130 -12.35 23.16 23.16
CA ALA B 130 -12.38 23.87 21.87
C ALA B 130 -11.89 25.30 22.11
N VAL B 131 -10.66 25.59 21.68
CA VAL B 131 -10.01 26.87 21.98
C VAL B 131 -10.60 27.98 21.14
N GLU B 132 -10.66 29.21 21.67
CA GLU B 132 -10.95 30.33 20.81
C GLU B 132 -9.65 31.11 20.63
N HIS B 133 -9.23 31.28 19.38
CA HIS B 133 -7.97 31.94 19.11
C HIS B 133 -8.08 33.46 19.13
N ARG B 134 -7.02 34.10 19.62
CA ARG B 134 -6.95 35.57 19.71
C ARG B 134 -5.94 36.16 18.68
N ASP B 135 -5.69 35.40 17.62
CA ASP B 135 -4.71 35.77 16.58
C ASP B 135 -5.34 36.60 15.46
N ARG B 136 -6.61 37.02 15.65
CA ARG B 136 -7.40 37.72 14.63
C ARG B 136 -7.77 36.82 13.44
N SER B 137 -7.73 35.50 13.67
CA SER B 137 -8.28 34.55 12.69
C SER B 137 -9.75 34.20 12.98
N ALA B 138 -10.20 34.42 14.21
CA ALA B 138 -11.62 34.20 14.53
C ALA B 138 -12.44 35.31 13.88
N SER B 139 -13.65 35.02 13.43
CA SER B 139 -14.53 36.09 12.96
C SER B 139 -14.70 37.14 14.04
N ALA B 140 -14.89 36.68 15.28
CA ALA B 140 -14.88 37.55 16.44
C ALA B 140 -14.40 36.75 17.63
N THR B 141 -13.81 37.44 18.60
CA THR B 141 -13.55 36.93 19.94
C THR B 141 -13.56 38.13 20.89
N TYR B 142 -13.59 37.85 22.18
CA TYR B 142 -13.48 38.93 23.17
C TYR B 142 -12.57 38.56 24.31
N TYR B 143 -12.19 39.60 25.06
CA TYR B 143 -11.35 39.52 26.23
C TYR B 143 -11.68 40.82 26.99
N PHE B 144 -10.94 41.06 28.07
CA PHE B 144 -11.17 42.21 28.96
C PHE B 144 -9.87 43.00 29.23
N LYS B 145 -10.03 44.19 29.83
CA LYS B 145 -8.89 45.06 30.16
C LYS B 145 -8.29 44.82 31.55
N ASP B 146 -9.09 44.37 32.51
CA ASP B 146 -8.55 44.00 33.82
C ASP B 146 -9.46 43.05 34.60
N GLN B 147 -9.09 42.80 35.85
CA GLN B 147 -9.87 41.99 36.79
C GLN B 147 -11.27 42.55 36.98
N SER B 148 -11.39 43.86 37.17
CA SER B 148 -12.68 44.49 37.45
C SER B 148 -13.62 44.34 36.26
N ALA B 149 -13.06 44.59 35.06
CA ALA B 149 -13.73 44.38 33.78
C ALA B 149 -14.35 43.00 33.67
N ALA B 150 -13.67 41.99 34.20
CA ALA B 150 -14.21 40.63 34.17
C ALA B 150 -15.42 40.47 35.08
N GLU B 151 -15.32 40.90 36.35
CA GLU B 151 -16.51 40.94 37.20
C GLU B 151 -17.55 41.97 36.72
N ILE B 152 -17.07 43.11 36.20
CA ILE B 152 -17.95 44.13 35.57
C ILE B 152 -18.48 43.69 34.20
N GLY B 153 -17.64 42.98 33.44
CA GLY B 153 -18.07 42.39 32.16
C GLY B 153 -18.06 43.35 30.99
N ASP B 154 -17.15 44.33 31.00
CA ASP B 154 -16.98 45.24 29.87
C ASP B 154 -16.09 44.56 28.84
N LYS B 155 -16.71 43.91 27.85
CA LYS B 155 -15.97 43.14 26.83
C LYS B 155 -15.30 44.02 25.79
N SER B 156 -14.08 43.65 25.41
CA SER B 156 -13.45 44.21 24.23
C SER B 156 -13.52 43.17 23.14
N TRP B 157 -14.09 43.54 21.99
CA TRP B 157 -14.19 42.62 20.86
C TRP B 157 -13.06 42.81 19.87
N LEU B 158 -12.61 41.68 19.32
CA LEU B 158 -11.50 41.62 18.38
C LEU B 158 -12.02 40.88 17.16
N TYR B 159 -12.00 41.55 16.00
CA TYR B 159 -12.59 40.98 14.79
C TYR B 159 -11.50 40.49 13.85
N LEU B 160 -11.88 39.55 12.97
CA LEU B 160 -10.98 39.02 11.96
C LEU B 160 -10.24 40.14 11.22
N ARG B 161 -8.92 39.95 11.09
CA ARG B 161 -8.04 40.82 10.33
C ARG B 161 -7.96 40.36 8.89
N THR B 162 -8.37 41.22 7.97
CA THR B 162 -8.23 40.93 6.54
C THR B 162 -6.81 41.32 6.16
N LEU B 163 -6.20 40.53 5.28
CA LEU B 163 -4.79 40.70 4.95
C LEU B 163 -4.60 41.11 3.49
N LYS B 164 -3.63 41.99 3.30
CA LYS B 164 -3.15 42.31 1.96
C LYS B 164 -2.29 41.14 1.53
N GLN B 165 -2.13 40.96 0.22
CA GLN B 165 -1.32 39.85 -0.27
C GLN B 165 0.07 39.74 0.37
N GLU B 166 0.76 40.87 0.53
CA GLU B 166 2.11 40.85 1.08
C GLU B 166 2.13 40.51 2.56
N GLU B 167 0.98 40.62 3.22
CA GLU B 167 0.86 40.22 4.61
C GLU B 167 0.65 38.73 4.76
N GLU B 168 -0.02 38.10 3.79
CA GLU B 168 -0.29 36.65 3.88
C GLU B 168 0.97 35.85 4.17
N THR B 169 2.04 36.24 3.48
CA THR B 169 3.28 35.49 3.47
C THR B 169 4.17 35.61 4.71
N HIS B 170 3.72 36.33 5.74
CA HIS B 170 4.33 36.28 7.07
C HIS B 170 3.32 36.24 8.22
N ILE B 171 2.17 36.90 8.04
CA ILE B 171 1.20 36.95 9.14
C ILE B 171 0.55 35.59 9.38
N ARG B 172 0.30 34.82 8.32
CA ARG B 172 -0.30 33.49 8.55
C ARG B 172 0.62 32.61 9.39
N ASN B 173 1.93 32.70 9.15
CA ASN B 173 2.86 31.95 9.97
C ASN B 173 2.92 32.45 11.41
N GLU B 174 2.88 33.78 11.59
CA GLU B 174 2.80 34.35 12.93
C GLU B 174 1.56 33.83 13.66
N GLN B 175 0.45 33.79 12.93
CA GLN B 175 -0.83 33.31 13.50
C GLN B 175 -0.79 31.83 13.84
N VAL B 176 -0.26 30.99 12.97
CA VAL B 176 -0.21 29.56 13.32
C VAL B 176 0.68 29.27 14.54
N ARG B 177 1.75 30.05 14.70
CA ARG B 177 2.60 29.91 15.86
C ARG B 177 1.83 30.36 17.12
N GLN B 178 1.09 31.45 17.02
CA GLN B 178 0.25 31.91 18.14
C GLN B 178 -0.82 30.85 18.48
N ARG B 179 -1.43 30.30 17.45
CA ARG B 179 -2.43 29.25 17.63
C ARG B 179 -1.86 28.03 18.34
N ALA B 180 -0.67 27.58 17.94
CA ALA B 180 -0.04 26.44 18.61
C ALA B 180 0.23 26.79 20.08
N LYS B 181 0.74 28.00 20.31
CA LYS B 181 0.97 28.46 21.69
C LYS B 181 -0.32 28.41 22.49
N GLU B 182 -1.41 28.87 21.87
CA GLU B 182 -2.74 28.83 22.47
C GLU B 182 -3.24 27.42 22.77
N CYS B 183 -2.95 26.46 21.89
CA CYS B 183 -3.36 25.08 22.14
C CYS B 183 -2.56 24.49 23.31
N SER B 184 -1.26 24.73 23.32
CA SER B 184 -0.41 24.27 24.41
C SER B 184 -0.79 24.94 25.74
N GLN B 185 -1.10 26.23 25.69
CA GLN B 185 -1.54 26.99 26.89
C GLN B 185 -2.89 26.48 27.43
N ALA B 186 -3.81 26.18 26.52
CA ALA B 186 -5.10 25.56 26.91
C ALA B 186 -4.87 24.22 27.59
N LEU B 187 -3.98 23.40 27.03
CA LEU B 187 -3.66 22.12 27.63
C LEU B 187 -3.09 22.33 29.04
N SER B 188 -2.14 23.26 29.17
CA SER B 188 -1.54 23.51 30.48
C SER B 188 -2.58 23.93 31.50
N LEU B 189 -3.52 24.77 31.06
CA LEU B 189 -4.59 25.25 31.93
C LEU B 189 -5.46 24.09 32.40
N ILE B 190 -5.85 23.22 31.46
CA ILE B 190 -6.66 22.06 31.84
C ILE B 190 -5.87 21.12 32.77
N LEU B 191 -4.58 20.96 32.51
CA LEU B 191 -3.76 20.11 33.38
C LEU B 191 -3.56 20.73 34.76
N ASP B 192 -3.49 22.06 34.82
CA ASP B 192 -3.41 22.74 36.15
C ASP B 192 -4.68 22.47 36.95
N ILE B 193 -5.82 22.60 36.30
CA ILE B 193 -7.09 22.28 36.92
C ILE B 193 -7.12 20.80 37.31
N ASP B 194 -6.71 19.90 36.42
CA ASP B 194 -6.63 18.49 36.78
C ASP B 194 -5.81 18.22 38.07
N HIS B 195 -4.65 18.86 38.20
CA HIS B 195 -3.80 18.56 39.35
C HIS B 195 -4.07 19.42 40.59
N GLY B 196 -5.17 20.17 40.53
CA GLY B 196 -5.72 20.87 41.69
C GLY B 196 -5.38 22.34 41.87
N LYS B 197 -4.79 22.96 40.85
CA LYS B 197 -4.45 24.38 40.97
C LYS B 197 -5.73 25.21 40.91
N PRO B 198 -5.97 26.08 41.92
CA PRO B 198 -7.15 26.93 41.87
C PRO B 198 -7.08 27.87 40.65
N VAL B 199 -8.20 28.05 39.98
CA VAL B 199 -8.30 28.93 38.82
C VAL B 199 -9.59 29.72 38.95
N LYS B 200 -9.52 31.03 38.72
CA LYS B 200 -10.72 31.87 38.73
C LYS B 200 -11.21 32.19 37.32
N ASN B 201 -12.28 31.51 36.90
CA ASN B 201 -12.89 31.76 35.59
C ASN B 201 -13.27 33.22 35.47
N ALA B 202 -12.81 33.88 34.40
CA ALA B 202 -13.15 35.27 34.14
C ALA B 202 -14.61 35.44 33.75
N LEU B 203 -15.22 34.33 33.34
CA LEU B 203 -16.66 34.27 33.10
C LEU B 203 -17.32 33.74 34.36
N ASP B 204 -18.45 34.33 34.74
CA ASP B 204 -19.15 33.87 35.94
C ASP B 204 -20.16 32.82 35.52
N LEU B 205 -19.85 31.55 35.78
CA LEU B 205 -20.66 30.43 35.31
C LEU B 205 -20.84 29.40 36.41
N LYS B 206 -21.92 28.61 36.32
CA LYS B 206 -22.27 27.64 37.37
C LYS B 206 -21.30 26.47 37.59
N PHE B 207 -20.60 26.08 36.53
CA PHE B 207 -19.70 24.92 36.58
C PHE B 207 -18.48 25.20 37.45
N ASP B 208 -18.37 24.44 38.54
CA ASP B 208 -17.21 24.49 39.43
C ASP B 208 -16.06 23.69 38.82
N MET B 209 -14.99 24.38 38.42
CA MET B 209 -13.85 23.72 37.77
C MET B 209 -13.15 22.66 38.63
N GLU B 210 -13.40 22.70 39.94
N GLU B 210 -13.41 22.66 39.93
CA GLU B 210 -12.85 21.72 40.88
CA GLU B 210 -12.75 21.69 40.81
C GLU B 210 -13.23 20.28 40.56
C GLU B 210 -13.29 20.26 40.67
N GLN B 211 -14.38 20.10 39.91
CA GLN B 211 -14.88 18.77 39.49
C GLN B 211 -13.90 18.07 38.57
N LEU B 212 -13.10 18.87 37.87
CA LEU B 212 -12.14 18.35 36.91
C LEU B 212 -10.87 17.83 37.57
N LYS B 213 -10.72 18.05 38.88
CA LYS B 213 -9.54 17.52 39.59
C LYS B 213 -9.46 16.02 39.39
N ASP B 214 -8.28 15.56 38.98
CA ASP B 214 -7.98 14.13 38.82
C ASP B 214 -8.85 13.46 37.75
N SER B 215 -9.39 14.25 36.82
CA SER B 215 -10.34 13.72 35.83
C SER B 215 -9.72 13.36 34.48
N ILE B 216 -8.51 13.84 34.23
CA ILE B 216 -7.88 13.76 32.89
C ILE B 216 -6.89 12.61 32.80
N ASP B 217 -6.94 11.85 31.71
CA ASP B 217 -5.92 10.87 31.44
C ASP B 217 -4.75 11.53 30.69
N ARG B 218 -3.69 11.81 31.46
CA ARG B 218 -2.55 12.55 30.96
C ARG B 218 -1.76 11.76 29.92
N GLU B 219 -2.00 10.45 29.82
CA GLU B 219 -1.36 9.62 28.80
C GLU B 219 -2.12 9.67 27.46
N LYS B 220 -3.28 10.29 27.45
CA LYS B 220 -4.16 10.15 26.30
C LYS B 220 -4.68 11.50 25.85
N ILE B 221 -3.77 12.28 25.27
CA ILE B 221 -4.04 13.64 24.86
C ILE B 221 -3.79 13.79 23.36
N ALA B 222 -4.74 14.39 22.66
CA ALA B 222 -4.61 14.59 21.22
C ALA B 222 -5.01 16.00 20.84
N VAL B 223 -4.58 16.46 19.68
CA VAL B 223 -5.00 17.76 19.12
C VAL B 223 -5.69 17.53 17.78
N ILE B 224 -6.83 18.18 17.59
CA ILE B 224 -7.64 18.02 16.37
C ILE B 224 -8.01 19.42 15.92
N GLY B 225 -8.17 19.65 14.62
CA GLY B 225 -8.48 20.99 14.20
C GLY B 225 -8.96 21.00 12.78
N HIS B 226 -9.74 22.03 12.43
CA HIS B 226 -10.28 22.14 11.08
C HIS B 226 -9.53 23.29 10.38
N SER B 227 -9.00 23.00 8.88
CA SER B 227 -8.64 23.99 7.88
C SER B 227 -7.56 24.87 8.47
N PHE B 228 -7.50 26.21 8.99
CA PHE B 228 -6.41 26.84 9.75
C PHE B 228 -6.09 25.98 10.99
N GLY B 229 -7.13 25.37 11.58
CA GLY B 229 -6.96 24.48 12.72
C GLY B 229 -6.18 23.21 12.44
N GLY B 230 -6.21 22.75 11.18
CA GLY B 230 -5.44 21.60 10.74
C GLY B 230 -3.98 21.97 10.67
N ALA B 231 -3.67 23.14 10.11
CA ALA B 231 -2.29 23.65 10.19
C ALA B 231 -1.86 23.78 11.65
N THR B 232 -2.78 24.22 12.52
CA THR B 232 -2.49 24.36 13.97
C THR B 232 -2.15 23.02 14.61
N VAL B 233 -2.88 21.96 14.23
CA VAL B 233 -2.56 20.61 14.71
C VAL B 233 -1.09 20.29 14.44
N ILE B 234 -0.67 20.55 13.21
CA ILE B 234 0.68 20.19 12.77
C ILE B 234 1.72 21.04 13.53
N GLN B 235 1.51 22.35 13.60
CA GLN B 235 2.42 23.24 14.36
C GLN B 235 2.51 22.81 15.81
N THR B 236 1.36 22.51 16.41
CA THR B 236 1.32 22.13 17.82
C THR B 236 2.09 20.84 18.06
N LEU B 237 1.87 19.81 17.24
CA LEU B 237 2.58 18.54 17.40
C LEU B 237 4.08 18.75 17.36
N SER B 238 4.51 19.63 16.46
CA SER B 238 5.95 19.89 16.24
C SER B 238 6.59 20.57 17.45
N GLU B 239 5.76 21.17 18.30
CA GLU B 239 6.22 21.99 19.42
C GLU B 239 6.00 21.37 20.80
N ASP B 240 5.07 20.43 20.89
CA ASP B 240 4.56 20.00 22.19
C ASP B 240 4.26 18.51 22.18
N GLN B 241 5.19 17.72 22.73
CA GLN B 241 5.06 16.26 22.74
C GLN B 241 4.06 15.71 23.75
N ARG B 242 3.42 16.59 24.52
CA ARG B 242 2.36 16.12 25.41
C ARG B 242 1.19 15.64 24.56
N PHE B 243 1.08 16.19 23.35
CA PHE B 243 0.06 15.73 22.41
C PHE B 243 0.60 14.51 21.70
N ARG B 244 -0.11 13.40 21.83
CA ARG B 244 0.40 12.11 21.35
C ARG B 244 0.06 11.76 19.90
N CYS B 245 -0.94 12.43 19.32
CA CYS B 245 -1.31 12.26 17.91
C CYS B 245 -2.18 13.44 17.50
N GLY B 246 -2.34 13.63 16.21
CA GLY B 246 -3.15 14.77 15.74
C GLY B 246 -4.04 14.30 14.61
N ILE B 247 -5.17 14.98 14.47
CA ILE B 247 -6.09 14.73 13.34
C ILE B 247 -6.41 16.10 12.74
N ALA B 248 -6.05 16.25 11.47
CA ALA B 248 -6.26 17.49 10.73
C ALA B 248 -7.42 17.30 9.76
N LEU B 249 -8.44 18.14 9.92
CA LEU B 249 -9.64 18.07 9.10
C LEU B 249 -9.54 19.14 8.03
N ASP B 250 -9.38 18.72 6.78
CA ASP B 250 -9.19 19.63 5.67
C ASP B 250 -8.13 20.68 5.98
N ALA B 251 -6.96 20.23 6.43
CA ALA B 251 -5.88 21.16 6.77
C ALA B 251 -5.58 22.14 5.64
N TRP B 252 -5.33 23.38 6.02
CA TRP B 252 -4.91 24.42 5.08
C TRP B 252 -3.45 24.64 5.43
N MET B 253 -2.57 24.24 4.53
CA MET B 253 -1.15 24.09 4.86
C MET B 253 -0.33 25.37 4.68
N PHE B 254 -0.90 26.35 4.00
CA PHE B 254 -0.18 27.60 3.66
C PHE B 254 0.57 28.25 4.84
N PRO B 255 -0.05 28.31 6.03
CA PRO B 255 0.65 29.00 7.15
C PRO B 255 1.97 28.39 7.60
N LEU B 256 2.19 27.12 7.30
CA LEU B 256 3.29 26.36 7.91
C LEU B 256 4.66 26.64 7.26
N GLY B 257 5.69 26.74 8.10
CA GLY B 257 7.07 26.81 7.62
C GLY B 257 7.65 25.42 7.39
N ASP B 258 8.66 25.35 6.52
CA ASP B 258 9.27 24.07 6.14
C ASP B 258 9.87 23.30 7.31
N GLU B 259 10.19 24.02 8.37
CA GLU B 259 10.88 23.40 9.50
C GLU B 259 10.02 22.41 10.30
N VAL B 260 8.69 22.46 10.13
CA VAL B 260 7.81 21.69 11.03
C VAL B 260 7.84 20.18 10.79
N TYR B 261 7.99 19.77 9.53
CA TYR B 261 7.76 18.38 9.13
C TYR B 261 8.65 17.35 9.80
N SER B 262 9.95 17.65 9.87
CA SER B 262 10.89 16.72 10.47
C SER B 262 10.74 16.62 11.98
N ARG B 263 9.94 17.51 12.57
CA ARG B 263 9.83 17.62 14.01
C ARG B 263 8.58 16.94 14.59
N ILE B 264 7.88 16.17 13.76
CA ILE B 264 6.62 15.54 14.20
C ILE B 264 6.72 14.01 14.19
N PRO B 265 7.24 13.41 15.27
CA PRO B 265 7.26 11.96 15.38
C PRO B 265 5.86 11.36 15.59
N GLN B 266 4.91 12.16 16.09
CA GLN B 266 3.57 11.63 16.45
C GLN B 266 2.75 11.28 15.20
N PRO B 267 1.90 10.26 15.31
CA PRO B 267 0.96 9.93 14.24
C PRO B 267 0.02 11.07 13.88
N LEU B 268 -0.26 11.19 12.59
CA LEU B 268 -1.04 12.29 12.07
C LEU B 268 -1.99 11.74 11.02
N PHE B 269 -3.26 12.15 11.12
CA PHE B 269 -4.33 11.67 10.23
C PHE B 269 -4.91 12.88 9.51
N PHE B 270 -4.92 12.83 8.18
CA PHE B 270 -5.57 13.86 7.36
C PHE B 270 -6.91 13.34 6.90
N ILE B 271 -7.99 14.03 7.29
CA ILE B 271 -9.33 13.75 6.74
C ILE B 271 -9.73 14.96 5.89
N ASN B 272 -9.82 14.76 4.58
CA ASN B 272 -10.03 15.85 3.62
C ASN B 272 -11.42 15.88 3.00
N SER B 273 -11.89 17.06 2.57
CA SER B 273 -13.13 17.09 1.75
C SER B 273 -12.72 16.90 0.29
N GLU B 274 -13.68 16.46 -0.53
CA GLU B 274 -13.41 16.27 -1.95
C GLU B 274 -13.13 17.59 -2.65
N TYR B 275 -13.89 18.62 -2.27
CA TYR B 275 -13.91 19.86 -3.06
C TYR B 275 -13.01 20.98 -2.57
N PHE B 276 -12.49 20.90 -1.35
CA PHE B 276 -11.62 21.99 -0.89
C PHE B 276 -10.20 21.88 -1.46
N GLN B 277 -9.71 20.65 -1.50
CA GLN B 277 -8.27 20.46 -1.66
C GLN B 277 -7.78 20.84 -3.06
N TYR B 278 -6.50 21.22 -3.10
CA TYR B 278 -5.86 21.67 -4.32
C TYR B 278 -4.40 21.19 -4.32
N PRO B 279 -3.78 21.06 -5.51
CA PRO B 279 -2.44 20.47 -5.58
C PRO B 279 -1.37 21.06 -4.65
N ALA B 280 -1.26 22.38 -4.59
CA ALA B 280 -0.23 22.98 -3.75
C ALA B 280 -0.41 22.58 -2.29
N ASN B 281 -1.65 22.43 -1.88
CA ASN B 281 -1.94 22.02 -0.50
C ASN B 281 -1.62 20.55 -0.25
N ILE B 282 -2.04 19.72 -1.19
CA ILE B 282 -1.76 18.27 -1.11
C ILE B 282 -0.26 18.00 -1.09
N ILE B 283 0.49 18.73 -1.92
CA ILE B 283 1.96 18.57 -1.92
C ILE B 283 2.56 18.84 -0.53
N LYS B 284 2.06 19.85 0.18
CA LYS B 284 2.54 20.12 1.54
C LYS B 284 2.12 19.02 2.52
N MET B 285 0.92 18.47 2.36
CA MET B 285 0.56 17.29 3.16
C MET B 285 1.54 16.16 2.93
N LYS B 286 1.90 15.95 1.68
CA LYS B 286 2.83 14.85 1.34
C LYS B 286 4.21 15.05 1.96
N LYS B 287 4.58 16.30 2.21
CA LYS B 287 5.83 16.63 2.88
C LYS B 287 5.86 16.07 4.31
N CYS B 288 4.68 15.76 4.85
CA CYS B 288 4.61 15.19 6.18
C CYS B 288 4.92 13.68 6.15
N TYR B 289 4.91 13.08 4.97
CA TYR B 289 5.08 11.62 4.88
C TYR B 289 6.56 11.28 4.95
N SER B 290 6.87 10.31 5.78
CA SER B 290 8.22 9.76 5.91
C SER B 290 8.07 8.32 6.34
N PRO B 291 8.95 7.41 5.86
CA PRO B 291 8.76 6.02 6.27
C PRO B 291 8.84 5.76 7.77
N ASP B 292 9.45 6.68 8.52
CA ASP B 292 9.54 6.52 9.99
C ASP B 292 8.39 7.18 10.75
N LYS B 293 7.36 7.63 10.03
CA LYS B 293 6.23 8.34 10.64
C LYS B 293 4.91 7.71 10.20
N GLU B 294 3.95 7.64 11.13
CA GLU B 294 2.63 7.10 10.81
C GLU B 294 1.73 8.20 10.29
N ARG B 295 1.35 8.10 9.03
CA ARG B 295 0.51 9.09 8.37
C ARG B 295 -0.59 8.39 7.63
N LYS B 296 -1.80 8.90 7.77
CA LYS B 296 -2.91 8.36 7.04
C LYS B 296 -3.71 9.52 6.43
N MET B 297 -4.32 9.26 5.28
CA MET B 297 -5.14 10.28 4.60
C MET B 297 -6.36 9.63 3.98
N ILE B 298 -7.52 10.26 4.18
CA ILE B 298 -8.73 9.85 3.48
C ILE B 298 -9.42 11.11 2.97
N THR B 299 -10.26 10.92 1.96
CA THR B 299 -11.07 12.01 1.42
C THR B 299 -12.52 11.58 1.47
N ILE B 300 -13.38 12.47 1.98
CA ILE B 300 -14.80 12.19 2.02
C ILE B 300 -15.44 12.56 0.68
N ARG B 301 -16.01 11.58 -0.02
CA ARG B 301 -16.66 11.85 -1.31
C ARG B 301 -17.78 12.88 -1.21
N GLY B 302 -17.81 13.84 -2.14
CA GLY B 302 -18.91 14.79 -2.26
C GLY B 302 -18.99 15.87 -1.21
N SER B 303 -17.91 16.05 -0.47
CA SER B 303 -17.90 17.01 0.64
C SER B 303 -17.15 18.29 0.32
N VAL B 304 -17.50 19.34 1.06
CA VAL B 304 -16.85 20.65 1.01
C VAL B 304 -16.22 20.95 2.38
N HIS B 305 -15.37 21.97 2.49
CA HIS B 305 -14.68 22.15 3.77
C HIS B 305 -15.67 22.46 4.88
N GLN B 306 -16.80 23.07 4.52
CA GLN B 306 -17.79 23.38 5.58
C GLN B 306 -18.49 22.15 6.16
N ASN B 307 -18.30 20.97 5.56
CA ASN B 307 -18.88 19.75 6.11
C ASN B 307 -18.38 19.43 7.51
N PHE B 308 -17.22 19.99 7.88
CA PHE B 308 -16.69 19.71 9.22
C PHE B 308 -17.22 20.65 10.30
N ALA B 309 -17.83 21.75 9.87
CA ALA B 309 -18.32 22.77 10.81
C ALA B 309 -19.83 22.77 10.96
N ASP B 310 -20.31 23.30 12.09
CA ASP B 310 -21.74 23.20 12.43
C ASP B 310 -22.70 23.89 11.48
N PHE B 311 -22.22 24.87 10.69
CA PHE B 311 -23.13 25.53 9.76
C PHE B 311 -23.67 24.58 8.70
N THR B 312 -23.00 23.43 8.51
CA THR B 312 -23.52 22.42 7.58
C THR B 312 -24.88 21.83 8.05
N PHE B 313 -25.23 22.07 9.30
CA PHE B 313 -26.52 21.60 9.86
C PHE B 313 -27.56 22.71 10.03
N ALA B 314 -27.15 23.95 9.79
CA ALA B 314 -27.93 25.15 10.17
C ALA B 314 -29.06 25.47 9.20
N THR B 315 -28.91 25.05 7.95
CA THR B 315 -29.89 25.32 6.88
C THR B 315 -30.37 24.04 6.18
N GLY B 316 -31.38 24.18 5.31
CA GLY B 316 -31.88 23.04 4.52
C GLY B 316 -30.92 22.66 3.40
N LYS B 317 -31.22 21.55 2.74
CA LYS B 317 -30.33 20.96 1.70
C LYS B 317 -30.07 21.86 0.50
N ILE B 318 -31.13 22.46 -0.04
CA ILE B 318 -31.02 23.29 -1.23
C ILE B 318 -30.25 24.58 -0.95
N ILE B 319 -30.66 25.33 0.07
CA ILE B 319 -29.96 26.55 0.48
C ILE B 319 -28.52 26.28 0.94
N GLY B 320 -28.33 25.18 1.66
CA GLY B 320 -27.00 24.81 2.15
C GLY B 320 -26.05 24.54 0.99
N HIS B 321 -26.54 23.83 -0.01
CA HIS B 321 -25.71 23.53 -1.17
C HIS B 321 -25.37 24.82 -1.93
N MET B 322 -26.35 25.72 -2.01
CA MET B 322 -26.17 27.01 -2.70
C MET B 322 -25.11 27.87 -2.01
N LEU B 323 -25.10 27.83 -0.68
CA LEU B 323 -24.16 28.63 0.12
C LEU B 323 -22.83 27.91 0.36
N LYS B 324 -22.71 26.71 -0.19
CA LYS B 324 -21.54 25.85 0.01
C LYS B 324 -21.28 25.50 1.47
N LEU B 325 -22.37 25.44 2.23
CA LEU B 325 -22.34 24.90 3.58
C LEU B 325 -22.54 23.39 3.55
N LYS B 326 -23.11 22.88 2.46
CA LYS B 326 -23.28 21.45 2.28
C LYS B 326 -22.68 21.04 0.96
N GLY B 327 -22.24 19.78 0.91
CA GLY B 327 -21.78 19.19 -0.35
C GLY B 327 -22.88 18.34 -0.96
N ASP B 328 -22.50 17.48 -1.91
CA ASP B 328 -23.42 16.49 -2.47
C ASP B 328 -23.80 15.43 -1.44
N ILE B 329 -22.84 15.07 -0.59
CA ILE B 329 -23.05 14.06 0.44
C ILE B 329 -23.97 14.61 1.51
N ASP B 330 -24.74 13.73 2.14
CA ASP B 330 -25.52 14.13 3.32
C ASP B 330 -24.59 14.55 4.48
N SER B 331 -24.92 15.64 5.17
CA SER B 331 -24.04 16.20 6.20
C SER B 331 -23.86 15.26 7.38
N ASN B 332 -24.90 14.51 7.75
CA ASN B 332 -24.74 13.51 8.81
C ASN B 332 -23.89 12.33 8.40
N VAL B 333 -24.06 11.85 7.16
CA VAL B 333 -23.18 10.78 6.62
C VAL B 333 -21.72 11.26 6.73
N ALA B 334 -21.46 12.49 6.31
CA ALA B 334 -20.04 12.96 6.25
C ALA B 334 -19.45 13.09 7.65
N ILE B 335 -20.19 13.75 8.55
CA ILE B 335 -19.64 13.94 9.89
C ILE B 335 -19.50 12.62 10.63
N ASP B 336 -20.40 11.68 10.38
CA ASP B 336 -20.29 10.35 11.01
C ASP B 336 -19.00 9.65 10.52
N LEU B 337 -18.69 9.76 9.22
CA LEU B 337 -17.45 9.15 8.72
C LEU B 337 -16.24 9.78 9.36
N SER B 338 -16.22 11.11 9.43
CA SER B 338 -15.09 11.82 10.02
C SER B 338 -14.96 11.45 11.50
N ASN B 339 -16.09 11.46 12.21
CA ASN B 339 -16.06 11.19 13.64
C ASN B 339 -15.68 9.74 13.95
N LYS B 340 -16.18 8.80 13.15
CA LYS B 340 -15.88 7.38 13.41
C LYS B 340 -14.43 7.05 13.06
N ALA B 341 -13.96 7.56 11.92
CA ALA B 341 -12.56 7.38 11.54
C ALA B 341 -11.67 7.99 12.61
N SER B 342 -12.05 9.18 13.10
CA SER B 342 -11.29 9.82 14.17
C SER B 342 -11.23 8.95 15.43
N LEU B 343 -12.38 8.40 15.85
CA LEU B 343 -12.41 7.54 17.02
C LEU B 343 -11.47 6.34 16.87
N ALA B 344 -11.51 5.69 15.70
CA ALA B 344 -10.60 4.55 15.43
C ALA B 344 -9.14 4.97 15.51
N PHE B 345 -8.80 6.12 14.92
CA PHE B 345 -7.43 6.60 14.92
C PHE B 345 -6.98 6.92 16.35
N LEU B 346 -7.85 7.59 17.12
CA LEU B 346 -7.56 7.93 18.50
C LEU B 346 -7.39 6.67 19.35
N GLN B 347 -8.22 5.66 19.10
CA GLN B 347 -8.06 4.41 19.87
C GLN B 347 -6.68 3.81 19.62
N LYS B 348 -6.32 3.78 18.34
CA LYS B 348 -5.09 3.14 17.90
C LYS B 348 -3.87 3.83 18.50
N HIS B 349 -3.87 5.16 18.50
CA HIS B 349 -2.66 5.92 18.84
C HIS B 349 -2.62 6.49 20.24
N LEU B 350 -3.75 6.43 20.94
CA LEU B 350 -3.77 6.76 22.38
C LEU B 350 -3.85 5.51 23.25
N GLY B 351 -4.03 4.36 22.61
CA GLY B 351 -4.18 3.08 23.33
C GLY B 351 -5.44 2.98 24.16
N LEU B 352 -6.57 3.42 23.59
CA LEU B 352 -7.86 3.34 24.29
C LEU B 352 -8.38 1.92 24.31
N HIS B 353 -9.06 1.57 25.41
CA HIS B 353 -9.59 0.23 25.55
C HIS B 353 -11.09 0.26 25.32
N LYS B 354 -11.46 0.73 24.14
CA LYS B 354 -12.84 0.85 23.73
C LYS B 354 -13.05 -0.05 22.52
N ASP B 355 -14.13 0.17 21.79
CA ASP B 355 -14.41 -0.65 20.62
C ASP B 355 -14.36 0.17 19.33
N PHE B 356 -13.60 1.27 19.36
CA PHE B 356 -13.57 2.16 18.19
C PHE B 356 -12.82 1.52 17.04
N ASP B 357 -12.11 0.43 17.33
CA ASP B 357 -11.40 -0.30 16.28
C ASP B 357 -12.37 -0.97 15.28
N GLN B 358 -13.66 -0.99 15.61
CA GLN B 358 -14.69 -1.43 14.65
C GLN B 358 -14.69 -0.56 13.39
N TRP B 359 -14.10 0.64 13.49
CA TRP B 359 -14.04 1.58 12.36
C TRP B 359 -12.64 1.69 11.77
N ASP B 360 -11.78 0.71 12.03
CA ASP B 360 -10.42 0.74 11.51
C ASP B 360 -10.42 0.86 9.99
N CYS B 361 -11.38 0.22 9.31
CA CYS B 361 -11.37 0.27 7.83
C CYS B 361 -11.54 1.68 7.33
N LEU B 362 -12.14 2.56 8.15
CA LEU B 362 -12.36 3.94 7.73
C LEU B 362 -11.06 4.71 7.65
N ILE B 363 -10.11 4.39 8.54
CA ILE B 363 -8.79 5.01 8.47
C ILE B 363 -8.14 4.70 7.12
N GLU B 364 -8.48 3.54 6.57
CA GLU B 364 -7.92 3.13 5.27
C GLU B 364 -8.78 3.59 4.07
N GLY B 365 -9.78 4.42 4.34
CA GLY B 365 -10.67 4.94 3.30
C GLY B 365 -11.57 3.92 2.64
N ASP B 366 -11.80 2.82 3.35
CA ASP B 366 -12.56 1.70 2.80
C ASP B 366 -14.05 1.81 3.14
N ASP B 367 -14.74 2.61 2.34
CA ASP B 367 -16.17 2.88 2.49
C ASP B 367 -16.67 3.43 1.18
N GLU B 368 -17.95 3.22 0.89
CA GLU B 368 -18.54 3.75 -0.36
C GLU B 368 -18.46 5.27 -0.49
N ASN B 369 -18.38 5.97 0.64
CA ASN B 369 -18.27 7.42 0.62
C ASN B 369 -16.87 7.96 1.00
N LEU B 370 -15.86 7.09 0.96
CA LEU B 370 -14.48 7.51 1.22
C LEU B 370 -13.58 7.14 0.06
N ILE B 371 -12.44 7.83 -0.01
CA ILE B 371 -11.32 7.59 -0.95
C ILE B 371 -10.08 7.41 -0.05
N PRO B 372 -9.32 6.31 -0.20
CA PRO B 372 -8.00 6.32 0.43
C PRO B 372 -7.12 7.37 -0.24
N GLY B 373 -6.41 8.17 0.56
CA GLY B 373 -5.53 9.18 -0.01
C GLY B 373 -6.38 10.32 -0.52
N THR B 374 -6.12 10.72 -1.77
CA THR B 374 -6.75 11.90 -2.34
C THR B 374 -7.18 11.68 -3.79
N ASN B 375 -8.16 12.47 -4.22
CA ASN B 375 -8.58 12.55 -5.62
C ASN B 375 -7.76 13.56 -6.43
N ILE B 376 -6.97 14.37 -5.74
CA ILE B 376 -6.24 15.45 -6.39
C ILE B 376 -4.95 14.89 -6.98
N ASN B 377 -4.71 15.22 -8.23
CA ASN B 377 -3.50 14.73 -8.86
C ASN B 377 -2.36 15.73 -8.75
N THR B 378 -1.18 15.20 -8.45
CA THR B 378 0.06 15.97 -8.48
C THR B 378 1.26 15.08 -8.82
N THR B 379 1.25 14.51 -10.02
CA THR B 379 2.37 13.68 -10.49
C THR B 379 3.70 14.43 -10.67
N ALA C 3 3.11 -21.22 -12.64
CA ALA C 3 2.32 -20.24 -11.89
C ALA C 3 3.12 -18.96 -11.58
N SER C 4 4.41 -19.10 -11.28
CA SER C 4 5.22 -17.95 -10.81
C SER C 4 5.63 -16.99 -11.93
N PHE C 5 5.79 -15.71 -11.57
CA PHE C 5 6.19 -14.71 -12.57
C PHE C 5 6.90 -13.56 -11.87
N GLY C 6 7.72 -12.83 -12.61
CA GLY C 6 8.53 -11.74 -12.03
C GLY C 6 7.66 -10.63 -11.47
N GLN C 7 8.04 -10.09 -10.31
CA GLN C 7 7.29 -9.00 -9.70
C GLN C 7 8.19 -7.86 -9.19
N THR C 8 9.11 -8.19 -8.32
CA THR C 8 9.96 -7.20 -7.69
C THR C 8 11.40 -7.45 -8.17
N LYS C 9 12.29 -6.47 -8.03
CA LYS C 9 13.70 -6.70 -8.39
C LYS C 9 14.34 -7.78 -7.55
N ILE C 10 14.08 -7.74 -6.25
CA ILE C 10 14.50 -8.80 -5.33
C ILE C 10 13.57 -10.00 -5.58
N PRO C 11 14.13 -11.21 -5.81
CA PRO C 11 13.28 -12.32 -6.24
C PRO C 11 12.32 -12.77 -5.12
N ARG C 12 11.11 -13.16 -5.52
CA ARG C 12 10.21 -13.84 -4.61
C ARG C 12 10.75 -15.20 -4.22
N GLY C 13 10.28 -15.70 -3.08
CA GLY C 13 10.67 -17.03 -2.63
C GLY C 13 10.22 -18.10 -3.63
N ASN C 14 10.98 -19.18 -3.71
CA ASN C 14 10.67 -20.28 -4.60
C ASN C 14 9.74 -21.32 -3.98
N GLY C 15 9.49 -21.21 -2.67
CA GLY C 15 8.71 -22.20 -1.93
C GLY C 15 7.21 -21.98 -2.07
N PRO C 16 6.40 -22.89 -1.48
CA PRO C 16 4.94 -22.81 -1.67
C PRO C 16 4.21 -21.70 -0.90
N TYR C 17 4.86 -21.11 0.09
CA TYR C 17 4.18 -20.15 0.96
C TYR C 17 4.41 -18.71 0.58
N SER C 18 3.36 -17.91 0.73
CA SER C 18 3.56 -16.45 0.77
C SER C 18 4.31 -16.11 2.04
N VAL C 19 4.93 -14.93 2.03
CA VAL C 19 5.82 -14.56 3.14
C VAL C 19 5.38 -13.24 3.74
N GLY C 20 5.29 -13.18 5.07
CA GLY C 20 5.07 -11.91 5.73
C GLY C 20 6.37 -11.36 6.33
N CYS C 21 6.33 -10.12 6.78
CA CYS C 21 7.52 -9.50 7.37
C CYS C 21 7.09 -8.46 8.40
N THR C 22 7.82 -8.41 9.51
CA THR C 22 7.64 -7.36 10.49
C THR C 22 8.98 -7.07 11.18
N ASP C 23 9.04 -6.04 12.02
CA ASP C 23 10.24 -5.71 12.80
C ASP C 23 9.91 -5.82 14.28
N LEU C 24 10.92 -6.22 15.05
CA LEU C 24 10.79 -6.36 16.50
C LEU C 24 12.01 -5.77 17.20
N MET C 25 11.78 -4.85 18.14
CA MET C 25 12.86 -4.35 18.99
C MET C 25 12.46 -4.51 20.45
N PHE C 26 13.25 -5.29 21.18
CA PHE C 26 13.02 -5.44 22.63
C PHE C 26 14.30 -5.90 23.33
N ASP C 27 14.75 -5.18 24.38
CA ASP C 27 14.23 -3.87 24.78
C ASP C 27 14.63 -2.74 23.82
N HIS C 28 14.40 -1.49 24.22
CA HIS C 28 14.67 -0.31 23.41
C HIS C 28 16.11 0.15 23.37
N THR C 29 16.98 -0.50 24.16
CA THR C 29 18.32 0.03 24.41
C THR C 29 19.35 -0.47 23.39
N ASN C 30 20.55 0.10 23.44
CA ASN C 30 21.65 -0.35 22.58
C ASN C 30 22.08 -1.80 22.86
N LYS C 31 21.57 -2.37 23.93
CA LYS C 31 21.85 -3.77 24.31
C LYS C 31 20.63 -4.69 24.13
N GLY C 32 19.51 -4.12 23.69
CA GLY C 32 18.33 -4.92 23.37
C GLY C 32 18.47 -5.65 22.04
N THR C 33 17.44 -6.44 21.69
CA THR C 33 17.39 -7.17 20.41
C THR C 33 16.63 -6.36 19.36
N PHE C 34 17.18 -6.28 18.15
CA PHE C 34 16.50 -5.66 17.01
C PHE C 34 16.60 -6.66 15.89
N LEU C 35 15.45 -7.05 15.35
CA LEU C 35 15.45 -8.02 14.25
C LEU C 35 14.33 -7.74 13.27
N ARG C 36 14.53 -8.19 12.04
CA ARG C 36 13.45 -8.25 11.05
C ARG C 36 13.06 -9.72 10.90
N LEU C 37 11.75 -9.96 10.97
CA LEU C 37 11.23 -11.31 10.96
C LEU C 37 10.60 -11.57 9.59
N TYR C 38 10.94 -12.70 8.97
CA TYR C 38 10.22 -13.20 7.79
C TYR C 38 9.55 -14.50 8.18
N TYR C 39 8.34 -14.75 7.69
CA TYR C 39 7.59 -15.93 8.15
C TYR C 39 6.54 -16.33 7.12
N PRO C 40 6.11 -17.60 7.15
CA PRO C 40 5.04 -18.02 6.24
C PRO C 40 3.75 -17.29 6.59
N SER C 41 3.06 -16.78 5.58
CA SER C 41 1.83 -16.05 5.85
C SER C 41 0.70 -16.64 5.01
N GLN C 42 -0.52 -16.26 5.32
CA GLN C 42 -1.66 -16.77 4.57
C GLN C 42 -1.96 -15.88 3.37
N ASP C 43 -1.97 -14.57 3.60
CA ASP C 43 -2.24 -13.58 2.54
C ASP C 43 -1.06 -13.56 1.56
N ASN C 44 -1.36 -13.41 0.27
CA ASN C 44 -0.33 -13.34 -0.79
C ASN C 44 -0.29 -12.00 -1.51
N ASP C 45 -1.32 -11.21 -1.28
CA ASP C 45 -1.47 -10.00 -2.06
C ASP C 45 -0.20 -9.15 -2.17
N ARG C 46 0.35 -8.71 -1.05
CA ARG C 46 0.71 -7.28 -1.00
C ARG C 46 2.10 -6.85 -1.45
N LEU C 47 3.10 -7.66 -1.15
CA LEU C 47 4.49 -7.38 -1.55
C LEU C 47 4.88 -5.92 -1.28
N ASP C 48 4.68 -5.50 -0.03
CA ASP C 48 4.73 -4.08 0.29
C ASP C 48 5.68 -3.71 1.41
N THR C 49 6.61 -4.62 1.70
CA THR C 49 7.63 -4.35 2.73
C THR C 49 8.71 -3.43 2.16
N LEU C 50 8.95 -2.32 2.83
CA LEU C 50 9.89 -1.35 2.33
C LEU C 50 11.29 -1.88 2.64
N TRP C 51 12.16 -1.80 1.63
CA TRP C 51 13.46 -2.49 1.71
C TRP C 51 14.41 -1.80 2.68
N ILE C 52 14.60 -0.49 2.54
CA ILE C 52 15.49 0.26 3.43
C ILE C 52 14.63 1.36 4.03
N PRO C 53 14.15 1.17 5.26
CA PRO C 53 13.04 1.93 5.85
C PRO C 53 13.35 3.26 6.54
N ASN C 54 14.60 3.72 6.50
CA ASN C 54 14.98 4.99 7.17
C ASN C 54 16.10 5.69 6.42
N LYS C 55 16.03 7.02 6.33
CA LYS C 55 17.02 7.80 5.60
C LYS C 55 18.43 7.58 6.13
N GLU C 56 18.54 7.37 7.45
CA GLU C 56 19.85 7.22 8.10
C GLU C 56 20.63 6.00 7.60
N TYR C 57 19.93 4.95 7.16
CA TYR C 57 20.64 3.81 6.54
C TYR C 57 21.38 4.20 5.25
N PHE C 58 20.80 5.11 4.49
CA PHE C 58 21.45 5.60 3.28
C PHE C 58 22.65 6.48 3.63
N TRP C 59 22.50 7.33 4.65
CA TRP C 59 23.63 8.09 5.18
C TRP C 59 24.75 7.12 5.63
N GLY C 60 24.37 6.09 6.36
CA GLY C 60 25.30 5.07 6.85
C GLY C 60 26.03 4.35 5.71
N LEU C 61 25.30 4.02 4.65
CA LEU C 61 25.90 3.33 3.51
C LEU C 61 26.94 4.24 2.83
N SER C 62 26.61 5.51 2.69
CA SER C 62 27.55 6.47 2.09
C SER C 62 28.84 6.54 2.92
N LYS C 63 28.69 6.59 4.24
CA LYS C 63 29.84 6.61 5.17
C LYS C 63 30.70 5.36 5.02
N PHE C 64 30.04 4.20 5.00
CA PHE C 64 30.71 2.92 4.78
C PHE C 64 31.48 2.91 3.45
N LEU C 65 30.88 3.47 2.40
CA LEU C 65 31.49 3.49 1.08
C LEU C 65 32.65 4.50 0.98
N GLY C 66 32.70 5.43 1.92
CA GLY C 66 33.76 6.45 1.95
C GLY C 66 33.54 7.54 0.92
N THR C 67 32.34 7.54 0.33
CA THR C 67 31.94 8.50 -0.69
C THR C 67 31.58 9.84 -0.06
N HIS C 68 31.45 10.86 -0.91
CA HIS C 68 31.03 12.19 -0.50
C HIS C 68 29.63 12.17 0.11
N TRP C 69 29.43 12.99 1.14
CA TRP C 69 28.14 13.16 1.85
C TRP C 69 26.89 13.08 0.95
N LEU C 70 26.93 13.74 -0.21
CA LEU C 70 25.80 13.75 -1.16
C LEU C 70 25.37 12.38 -1.65
N MET C 71 26.28 11.40 -1.60
CA MET C 71 25.98 10.06 -2.08
C MET C 71 24.83 9.45 -1.28
N GLY C 72 24.76 9.78 0.01
CA GLY C 72 23.68 9.30 0.88
C GLY C 72 22.34 9.75 0.32
N ASN C 73 22.27 11.01 -0.07
CA ASN C 73 21.07 11.57 -0.70
C ASN C 73 20.73 10.90 -2.03
N ILE C 74 21.75 10.63 -2.84
CA ILE C 74 21.55 9.99 -4.14
C ILE C 74 21.03 8.56 -3.96
N LEU C 75 21.66 7.81 -3.07
CA LEU C 75 21.21 6.46 -2.77
C LEU C 75 19.74 6.47 -2.33
N ARG C 76 19.38 7.45 -1.50
CA ARG C 76 18.01 7.52 -1.02
C ARG C 76 17.03 7.79 -2.17
N LEU C 77 17.43 8.67 -3.09
CA LEU C 77 16.57 8.95 -4.24
C LEU C 77 16.43 7.74 -5.17
N LEU C 78 17.51 7.00 -5.36
CA LEU C 78 17.49 5.81 -6.22
C LEU C 78 16.74 4.63 -5.60
N PHE C 79 16.89 4.42 -4.29
CA PHE C 79 16.44 3.17 -3.66
C PHE C 79 15.42 3.30 -2.53
N GLY C 80 15.09 4.55 -2.19
CA GLY C 80 14.19 4.84 -1.07
C GLY C 80 12.78 4.26 -1.16
N SER C 81 12.31 4.02 -2.39
CA SER C 81 10.94 3.49 -2.60
C SER C 81 10.94 2.00 -2.90
N MET C 82 12.12 1.41 -2.99
CA MET C 82 12.22 -0.01 -3.29
C MET C 82 11.54 -0.86 -2.23
N THR C 83 10.83 -1.89 -2.71
CA THR C 83 10.17 -2.83 -1.82
C THR C 83 10.80 -4.20 -2.01
N THR C 84 10.45 -5.12 -1.12
CA THR C 84 10.88 -6.50 -1.20
C THR C 84 9.62 -7.38 -1.07
N PRO C 85 9.60 -8.57 -1.71
CA PRO C 85 8.32 -9.31 -1.86
C PRO C 85 7.85 -10.09 -0.62
N ALA C 86 7.54 -9.33 0.42
CA ALA C 86 6.98 -9.88 1.63
C ALA C 86 5.84 -8.98 2.05
N ASN C 87 4.86 -9.57 2.72
CA ASN C 87 3.64 -8.85 3.09
C ASN C 87 3.79 -8.24 4.46
N TRP C 88 3.85 -6.91 4.51
CA TRP C 88 4.15 -6.21 5.75
C TRP C 88 3.06 -6.45 6.79
N ASN C 89 3.45 -6.99 7.94
CA ASN C 89 2.54 -7.24 9.08
C ASN C 89 1.38 -8.18 8.78
N SER C 90 1.51 -9.02 7.75
CA SER C 90 0.49 -10.03 7.47
C SER C 90 0.46 -11.09 8.57
N PRO C 91 -0.72 -11.72 8.81
CA PRO C 91 -0.75 -12.72 9.87
C PRO C 91 0.13 -13.92 9.56
N LEU C 92 0.66 -14.53 10.61
CA LEU C 92 1.38 -15.80 10.53
C LEU C 92 0.46 -16.90 10.00
N ARG C 93 0.94 -17.68 9.04
CA ARG C 93 0.22 -18.87 8.57
C ARG C 93 0.07 -19.92 9.69
N PRO C 94 -1.19 -20.32 10.00
CA PRO C 94 -1.40 -21.46 10.89
C PRO C 94 -0.86 -22.72 10.26
N GLY C 95 -0.25 -23.56 11.07
CA GLY C 95 0.31 -24.83 10.59
C GLY C 95 1.13 -25.49 11.66
N GLU C 96 1.84 -26.55 11.27
CA GLU C 96 2.76 -27.25 12.16
C GLU C 96 3.87 -26.28 12.61
N LYS C 97 4.50 -26.57 13.75
CA LYS C 97 5.61 -25.75 14.25
C LYS C 97 6.68 -25.57 13.15
N TYR C 98 7.21 -24.35 13.06
CA TYR C 98 8.14 -23.99 11.99
C TYR C 98 9.58 -24.00 12.47
N PRO C 99 10.50 -24.52 11.64
CA PRO C 99 11.92 -24.41 11.95
C PRO C 99 12.32 -22.93 11.91
N LEU C 100 13.40 -22.59 12.61
CA LEU C 100 13.79 -21.20 12.83
C LEU C 100 15.24 -20.98 12.43
N VAL C 101 15.48 -19.93 11.65
CA VAL C 101 16.83 -19.48 11.32
C VAL C 101 17.06 -18.11 11.96
N VAL C 102 18.20 -17.94 12.62
CA VAL C 102 18.67 -16.60 13.01
C VAL C 102 19.74 -16.22 12.00
N PHE C 103 19.60 -15.05 11.40
CA PHE C 103 20.50 -14.60 10.32
C PHE C 103 21.32 -13.39 10.73
N SER C 104 22.64 -13.48 10.51
CA SER C 104 23.58 -12.39 10.82
C SER C 104 24.15 -11.68 9.59
N HIS C 105 23.99 -10.35 9.54
CA HIS C 105 24.44 -9.53 8.41
C HIS C 105 25.94 -9.25 8.40
N GLY C 106 26.44 -8.82 7.23
CA GLY C 106 27.87 -8.51 7.09
C GLY C 106 28.26 -7.12 7.57
N LEU C 107 29.55 -6.83 7.48
CA LEU C 107 30.06 -5.49 7.77
C LEU C 107 29.50 -4.47 6.78
N GLY C 108 28.95 -3.36 7.29
CA GLY C 108 28.43 -2.33 6.42
C GLY C 108 26.99 -2.57 6.01
N ALA C 109 26.45 -3.71 6.42
CA ALA C 109 25.06 -4.01 6.12
C ALA C 109 24.20 -3.69 7.35
N PHE C 110 22.98 -4.24 7.35
CA PHE C 110 22.02 -4.12 8.46
C PHE C 110 20.87 -5.11 8.17
N ARG C 111 19.83 -5.12 8.99
CA ARG C 111 18.97 -6.30 9.04
C ARG C 111 18.16 -6.56 7.77
N THR C 112 17.91 -5.54 6.98
CA THR C 112 16.93 -5.65 5.90
C THR C 112 17.54 -6.07 4.56
N LEU C 113 18.89 -6.22 4.51
CA LEU C 113 19.59 -6.36 3.22
C LEU C 113 19.79 -7.80 2.73
N TYR C 114 19.15 -8.74 3.41
CA TYR C 114 19.26 -10.16 3.02
C TYR C 114 17.88 -10.77 2.89
N SER C 115 16.98 -9.97 2.34
CA SER C 115 15.61 -10.42 2.15
C SER C 115 15.46 -11.49 1.06
N ALA C 116 16.35 -11.51 0.06
CA ALA C 116 16.27 -12.57 -0.94
C ALA C 116 16.41 -13.92 -0.26
N ILE C 117 17.38 -14.01 0.65
CA ILE C 117 17.58 -15.21 1.47
C ILE C 117 16.44 -15.44 2.46
N GLY C 118 16.08 -14.41 3.24
CA GLY C 118 15.06 -14.56 4.27
C GLY C 118 13.71 -14.97 3.68
N ILE C 119 13.34 -14.32 2.59
CA ILE C 119 12.06 -14.59 1.95
C ILE C 119 12.09 -15.99 1.33
N ASP C 120 13.19 -16.38 0.71
CA ASP C 120 13.20 -17.73 0.16
C ASP C 120 13.03 -18.79 1.25
N LEU C 121 13.77 -18.63 2.35
CA LEU C 121 13.61 -19.57 3.46
C LEU C 121 12.17 -19.58 4.01
N ALA C 122 11.60 -18.40 4.21
CA ALA C 122 10.24 -18.33 4.76
C ALA C 122 9.23 -18.96 3.79
N SER C 123 9.43 -18.77 2.49
CA SER C 123 8.52 -19.37 1.48
C SER C 123 8.56 -20.91 1.52
N HIS C 124 9.62 -21.48 2.10
CA HIS C 124 9.73 -22.93 2.23
C HIS C 124 9.36 -23.40 3.64
N GLY C 125 8.78 -22.52 4.44
CA GLY C 125 8.30 -22.92 5.76
C GLY C 125 9.18 -22.65 6.97
N PHE C 126 10.19 -21.78 6.83
CA PHE C 126 10.95 -21.30 7.99
C PHE C 126 10.42 -19.97 8.53
N ILE C 127 10.62 -19.75 9.83
CA ILE C 127 10.63 -18.40 10.36
C ILE C 127 12.10 -17.96 10.40
N VAL C 128 12.36 -16.76 9.95
CA VAL C 128 13.74 -16.25 9.88
C VAL C 128 13.82 -14.96 10.66
N ALA C 129 14.78 -14.87 11.58
CA ALA C 129 14.98 -13.66 12.36
C ALA C 129 16.30 -13.05 11.95
N ALA C 130 16.24 -11.96 11.19
CA ALA C 130 17.45 -11.31 10.67
C ALA C 130 17.83 -10.21 11.67
N VAL C 131 18.89 -10.46 12.45
CA VAL C 131 19.27 -9.59 13.55
C VAL C 131 19.93 -8.31 13.03
N GLU C 132 19.74 -7.19 13.73
CA GLU C 132 20.55 -6.02 13.44
C GLU C 132 21.56 -5.86 14.59
N HIS C 133 22.83 -5.84 14.24
CA HIS C 133 23.87 -5.80 15.25
C HIS C 133 24.15 -4.37 15.71
N ARG C 134 24.45 -4.27 17.01
CA ARG C 134 24.75 -2.97 17.64
C ARG C 134 26.26 -2.85 18.00
N ASP C 135 27.08 -3.63 17.32
CA ASP C 135 28.53 -3.68 17.59
C ASP C 135 29.29 -2.63 16.77
N ARG C 136 28.58 -1.74 16.08
CA ARG C 136 29.16 -0.75 15.15
C ARG C 136 29.75 -1.38 13.88
N SER C 137 29.28 -2.59 13.56
CA SER C 137 29.57 -3.20 12.27
C SER C 137 28.48 -2.89 11.23
N ALA C 138 27.29 -2.50 11.69
CA ALA C 138 26.24 -2.13 10.72
C ALA C 138 26.60 -0.76 10.16
N SER C 139 26.28 -0.50 8.88
CA SER C 139 26.45 0.85 8.33
C SER C 139 25.72 1.85 9.20
N ALA C 140 24.51 1.47 9.62
CA ALA C 140 23.76 2.23 10.62
C ALA C 140 22.83 1.30 11.35
N THR C 141 22.50 1.67 12.60
CA THR C 141 21.42 1.07 13.36
C THR C 141 20.90 2.14 14.31
N TYR C 142 19.77 1.86 14.95
CA TYR C 142 19.26 2.78 15.98
C TYR C 142 18.72 2.06 17.20
N TYR C 143 18.54 2.83 18.28
CA TYR C 143 18.00 2.37 19.53
C TYR C 143 17.48 3.67 20.19
N PHE C 144 17.03 3.54 21.43
CA PHE C 144 16.43 4.65 22.17
C PHE C 144 17.09 4.82 23.55
N LYS C 145 16.78 5.96 24.19
CA LYS C 145 17.32 6.30 25.51
C LYS C 145 16.46 5.80 26.67
N ASP C 146 15.15 5.67 26.45
CA ASP C 146 14.29 5.11 27.48
C ASP C 146 12.94 4.65 26.92
N GLN C 147 12.06 4.20 27.82
CA GLN C 147 10.73 3.73 27.46
C GLN C 147 9.93 4.85 26.81
N SER C 148 10.09 6.07 27.33
CA SER C 148 9.34 7.23 26.83
C SER C 148 9.85 7.64 25.45
N ALA C 149 11.17 7.69 25.30
CA ALA C 149 11.82 7.98 24.00
C ALA C 149 11.41 6.97 22.94
N ALA C 150 11.01 5.77 23.38
CA ALA C 150 10.44 4.78 22.48
C ALA C 150 8.97 5.08 22.17
N GLU C 151 8.21 5.57 23.16
CA GLU C 151 6.87 6.12 22.90
C GLU C 151 7.03 7.41 22.09
N ILE C 152 7.94 8.29 22.53
CA ILE C 152 8.24 9.55 21.82
C ILE C 152 8.94 9.31 20.47
N GLY C 153 9.65 8.19 20.35
CA GLY C 153 10.25 7.79 19.07
C GLY C 153 11.46 8.62 18.68
N ASP C 154 12.17 9.13 19.69
CA ASP C 154 13.39 9.90 19.47
C ASP C 154 14.55 8.92 19.31
N LYS C 155 14.87 8.60 18.05
CA LYS C 155 15.90 7.60 17.72
C LYS C 155 17.31 8.12 17.94
N SER C 156 18.16 7.28 18.49
CA SER C 156 19.60 7.53 18.49
C SER C 156 20.25 6.63 17.45
N TRP C 157 20.97 7.24 16.53
CA TRP C 157 21.62 6.47 15.46
C TRP C 157 23.06 6.16 15.82
N LEU C 158 23.50 4.98 15.39
CA LEU C 158 24.83 4.47 15.64
C LEU C 158 25.40 4.04 14.29
N TYR C 159 26.51 4.64 13.90
CA TYR C 159 27.07 4.40 12.57
C TYR C 159 28.31 3.53 12.66
N LEU C 160 28.61 2.86 11.54
CA LEU C 160 29.80 2.00 11.44
C LEU C 160 31.04 2.72 11.97
N ARG C 161 31.79 1.99 12.79
CA ARG C 161 33.09 2.42 13.32
C ARG C 161 34.21 1.98 12.39
N THR C 162 34.95 2.95 11.85
CA THR C 162 36.13 2.65 11.06
C THR C 162 37.29 2.41 12.02
N LEU C 163 38.14 1.45 11.69
CA LEU C 163 39.17 1.01 12.63
C LEU C 163 40.56 1.34 12.09
N LYS C 164 41.44 1.75 12.99
CA LYS C 164 42.86 1.85 12.68
C LYS C 164 43.40 0.42 12.65
N GLN C 165 44.53 0.21 11.96
CA GLN C 165 45.09 -1.14 11.87
C GLN C 165 45.27 -1.83 13.22
N GLU C 166 45.73 -1.09 14.24
CA GLU C 166 45.98 -1.71 15.54
C GLU C 166 44.70 -2.07 16.28
N GLU C 167 43.58 -1.47 15.85
CA GLU C 167 42.29 -1.81 16.45
C GLU C 167 41.71 -3.06 15.82
N GLU C 168 42.03 -3.32 14.55
CA GLU C 168 41.49 -4.53 13.89
C GLU C 168 41.74 -5.79 14.70
N THR C 169 42.96 -5.87 15.24
CA THR C 169 43.51 -7.03 15.93
C THR C 169 42.89 -7.37 17.31
N HIS C 170 41.98 -6.51 17.82
CA HIS C 170 41.17 -6.85 19.00
C HIS C 170 39.69 -6.48 18.87
N ILE C 171 39.40 -5.40 18.17
CA ILE C 171 38.01 -4.94 18.08
C ILE C 171 37.15 -5.92 17.27
N ARG C 172 37.71 -6.49 16.21
CA ARG C 172 36.90 -7.47 15.43
C ARG C 172 36.48 -8.66 16.28
N ASN C 173 37.38 -9.13 17.14
CA ASN C 173 37.04 -10.22 18.02
C ASN C 173 36.01 -9.82 19.07
N GLU C 174 36.14 -8.61 19.60
CA GLU C 174 35.12 -8.09 20.52
C GLU C 174 33.75 -8.04 19.85
N GLN C 175 33.75 -7.59 18.60
CA GLN C 175 32.53 -7.49 17.79
C GLN C 175 31.92 -8.86 17.50
N VAL C 176 32.72 -9.84 17.08
CA VAL C 176 32.15 -11.16 16.82
C VAL C 176 31.55 -11.82 18.06
N ARG C 177 32.15 -11.57 19.24
CA ARG C 177 31.60 -12.07 20.47
C ARG C 177 30.27 -11.37 20.80
N GLN C 178 30.20 -10.06 20.57
CA GLN C 178 28.96 -9.29 20.75
C GLN C 178 27.89 -9.82 19.78
N ARG C 179 28.29 -10.03 18.53
CA ARG C 179 27.37 -10.55 17.52
C ARG C 179 26.80 -11.91 17.91
N ALA C 180 27.66 -12.79 18.42
CA ALA C 180 27.19 -14.10 18.87
C ALA C 180 26.19 -13.93 20.03
N LYS C 181 26.53 -13.07 20.97
CA LYS C 181 25.61 -12.77 22.09
C LYS C 181 24.27 -12.30 21.55
N GLU C 182 24.32 -11.43 20.55
CA GLU C 182 23.11 -10.87 19.93
C GLU C 182 22.28 -11.93 19.19
N CYS C 183 22.95 -12.91 18.57
CA CYS C 183 22.22 -14.00 17.93
C CYS C 183 21.55 -14.90 18.99
N SER C 184 22.29 -15.22 20.04
CA SER C 184 21.75 -16.04 21.12
C SER C 184 20.60 -15.30 21.81
N GLN C 185 20.77 -13.99 22.00
CA GLN C 185 19.72 -13.16 22.64
C GLN C 185 18.46 -13.05 21.78
N ALA C 186 18.64 -12.88 20.48
CA ALA C 186 17.49 -12.91 19.55
C ALA C 186 16.75 -14.23 19.62
N LEU C 187 17.50 -15.35 19.66
CA LEU C 187 16.90 -16.67 19.79
C LEU C 187 16.09 -16.76 21.09
N SER C 188 16.68 -16.31 22.19
CA SER C 188 15.97 -16.36 23.47
C SER C 188 14.70 -15.53 23.45
N LEU C 189 14.76 -14.36 22.82
CA LEU C 189 13.59 -13.51 22.66
C LEU C 189 12.48 -14.21 21.88
N ILE C 190 12.84 -14.81 20.74
CA ILE C 190 11.84 -15.53 19.94
C ILE C 190 11.29 -16.71 20.72
N LEU C 191 12.15 -17.42 21.47
CA LEU C 191 11.65 -18.54 22.28
C LEU C 191 10.76 -18.09 23.44
N ASP C 192 11.05 -16.92 24.02
CA ASP C 192 10.16 -16.36 25.07
C ASP C 192 8.79 -16.09 24.49
N ILE C 193 8.78 -15.46 23.32
CA ILE C 193 7.53 -15.23 22.61
C ILE C 193 6.83 -16.55 22.28
N ASP C 194 7.57 -17.54 21.76
CA ASP C 194 7.00 -18.84 21.48
C ASP C 194 6.30 -19.44 22.70
N HIS C 195 6.89 -19.27 23.87
CA HIS C 195 6.24 -19.86 25.02
C HIS C 195 5.32 -18.96 25.83
N GLY C 196 4.93 -17.85 25.23
CA GLY C 196 3.87 -17.01 25.77
C GLY C 196 4.28 -15.90 26.69
N LYS C 197 5.59 -15.62 26.78
CA LYS C 197 6.03 -14.49 27.60
C LYS C 197 5.59 -13.19 26.94
N PRO C 198 4.85 -12.33 27.66
CA PRO C 198 4.46 -11.06 27.06
C PRO C 198 5.71 -10.25 26.76
N VAL C 199 5.72 -9.58 25.61
CA VAL C 199 6.83 -8.74 25.18
C VAL C 199 6.22 -7.49 24.57
N LYS C 200 6.74 -6.32 24.95
CA LYS C 200 6.30 -5.06 24.37
C LYS C 200 7.29 -4.54 23.33
N ASN C 201 6.93 -4.70 22.06
CA ASN C 201 7.75 -4.20 20.95
C ASN C 201 7.98 -2.70 21.12
N ALA C 202 9.25 -2.29 21.09
CA ALA C 202 9.60 -0.87 21.21
C ALA C 202 9.20 -0.09 19.95
N LEU C 203 8.95 -0.81 18.86
CA LEU C 203 8.35 -0.24 17.67
C LEU C 203 6.86 -0.50 17.71
N ASP C 204 6.06 0.49 17.33
CA ASP C 204 4.61 0.31 17.30
C ASP C 204 4.18 -0.17 15.92
N LEU C 205 3.87 -1.45 15.82
CA LEU C 205 3.55 -2.07 14.54
C LEU C 205 2.26 -2.90 14.62
N LYS C 206 1.67 -3.21 13.48
CA LYS C 206 0.39 -3.95 13.40
C LYS C 206 0.46 -5.39 13.93
N PHE C 207 1.58 -6.05 13.67
CA PHE C 207 1.76 -7.47 14.01
C PHE C 207 1.72 -7.77 15.51
N ASP C 208 0.73 -8.56 15.93
CA ASP C 208 0.62 -9.05 17.30
C ASP C 208 1.57 -10.23 17.52
N MET C 209 2.62 -10.02 18.32
CA MET C 209 3.61 -11.07 18.57
C MET C 209 3.02 -12.31 19.23
N GLU C 210 1.81 -12.19 19.78
CA GLU C 210 1.14 -13.34 20.40
C GLU C 210 0.79 -14.47 19.42
N GLN C 211 0.72 -14.15 18.12
CA GLN C 211 0.53 -15.14 17.05
C GLN C 211 1.62 -16.18 17.03
N LEU C 212 2.80 -15.80 17.51
CA LEU C 212 3.96 -16.66 17.48
C LEU C 212 3.96 -17.69 18.61
N LYS C 213 3.03 -17.54 19.57
CA LYS C 213 2.92 -18.52 20.65
C LYS C 213 2.77 -19.91 20.05
N ASP C 214 3.62 -20.83 20.54
CA ASP C 214 3.59 -22.25 20.14
C ASP C 214 3.89 -22.49 18.65
N SER C 215 4.54 -21.52 17.99
CA SER C 215 4.73 -21.59 16.53
C SER C 215 6.08 -22.14 16.08
N ILE C 216 7.03 -22.23 17.01
CA ILE C 216 8.43 -22.54 16.70
C ILE C 216 8.75 -24.01 16.98
N ASP C 217 9.45 -24.64 16.05
CA ASP C 217 9.99 -25.97 16.29
C ASP C 217 11.36 -25.83 16.97
N ARG C 218 11.37 -26.03 18.27
CA ARG C 218 12.54 -25.82 19.12
C ARG C 218 13.64 -26.86 18.83
N GLU C 219 13.29 -27.93 18.12
CA GLU C 219 14.28 -28.93 17.71
C GLU C 219 14.99 -28.57 16.40
N LYS C 220 14.51 -27.53 15.74
CA LYS C 220 14.98 -27.28 14.37
C LYS C 220 15.37 -25.82 14.21
N ILE C 221 16.49 -25.47 14.84
CA ILE C 221 17.00 -24.11 14.90
C ILE C 221 18.40 -24.07 14.28
N ALA C 222 18.61 -23.12 13.37
CA ALA C 222 19.92 -22.97 12.75
C ALA C 222 20.33 -21.50 12.75
N VAL C 223 21.62 -21.25 12.57
CA VAL C 223 22.15 -19.89 12.39
C VAL C 223 22.83 -19.79 11.02
N ILE C 224 22.57 -18.70 10.31
CA ILE C 224 23.11 -18.49 8.97
C ILE C 224 23.60 -17.06 8.93
N GLY C 225 24.64 -16.78 8.16
CA GLY C 225 25.12 -15.41 8.15
C GLY C 225 26.04 -15.16 6.98
N HIS C 226 26.14 -13.89 6.58
CA HIS C 226 26.99 -13.53 5.47
C HIS C 226 28.21 -12.79 6.04
N SER C 227 29.61 -13.27 5.37
CA SER C 227 30.87 -12.55 5.46
C SER C 227 31.15 -12.22 6.93
N PHE C 228 31.13 -10.99 7.77
CA PHE C 228 31.19 -10.92 9.24
C PHE C 228 30.15 -11.84 9.87
N GLY C 229 28.98 -11.97 9.22
CA GLY C 229 27.92 -12.86 9.69
C GLY C 229 28.29 -14.34 9.64
N GLY C 230 29.18 -14.71 8.72
CA GLY C 230 29.68 -16.08 8.62
C GLY C 230 30.60 -16.38 9.80
N ALA C 231 31.46 -15.42 10.14
CA ALA C 231 32.25 -15.55 11.37
C ALA C 231 31.31 -15.65 12.58
N THR C 232 30.23 -14.87 12.54
CA THR C 232 29.23 -14.89 13.63
C THR C 232 28.57 -16.26 13.77
N VAL C 233 28.25 -16.91 12.66
CA VAL C 233 27.74 -18.28 12.68
C VAL C 233 28.66 -19.18 13.50
N ILE C 234 29.95 -19.10 13.19
CA ILE C 234 30.94 -20.00 13.82
C ILE C 234 31.06 -19.69 15.32
N GLN C 235 31.18 -18.41 15.67
CA GLN C 235 31.22 -18.00 17.08
C GLN C 235 29.97 -18.46 17.81
N THR C 236 28.80 -18.26 17.20
CA THR C 236 27.53 -18.60 17.84
C THR C 236 27.43 -20.11 18.09
N LEU C 237 27.74 -20.91 17.08
CA LEU C 237 27.71 -22.36 17.25
C LEU C 237 28.58 -22.82 18.42
N SER C 238 29.75 -22.19 18.53
CA SER C 238 30.72 -22.57 19.57
C SER C 238 30.25 -22.23 20.98
N GLU C 239 29.25 -21.35 21.08
CA GLU C 239 28.76 -20.84 22.39
C GLU C 239 27.38 -21.34 22.77
N ASP C 240 26.60 -21.77 21.78
CA ASP C 240 25.17 -21.97 22.00
C ASP C 240 24.66 -23.20 21.25
N GLN C 241 24.54 -24.31 21.97
CA GLN C 241 24.13 -25.58 21.34
C GLN C 241 22.65 -25.66 20.97
N ARG C 242 21.89 -24.60 21.25
CA ARG C 242 20.49 -24.59 20.83
C ARG C 242 20.46 -24.52 19.30
N PHE C 243 21.51 -23.96 18.73
CA PHE C 243 21.65 -23.93 17.27
C PHE C 243 22.23 -25.25 16.83
N ARG C 244 21.52 -25.96 15.97
CA ARG C 244 21.86 -27.33 15.62
C ARG C 244 22.79 -27.49 14.42
N CYS C 245 22.86 -26.44 13.59
CA CYS C 245 23.81 -26.42 12.48
C CYS C 245 23.97 -24.97 12.03
N GLY C 246 24.99 -24.72 11.22
CA GLY C 246 25.24 -23.34 10.76
C GLY C 246 25.58 -23.35 9.28
N ILE C 247 25.24 -22.25 8.61
CA ILE C 247 25.64 -22.08 7.21
C ILE C 247 26.29 -20.70 7.12
N ALA C 248 27.56 -20.70 6.70
CA ALA C 248 28.34 -19.48 6.56
C ALA C 248 28.48 -19.13 5.09
N LEU C 249 28.00 -17.94 4.73
CA LEU C 249 28.02 -17.49 3.36
C LEU C 249 29.20 -16.54 3.19
N ASP C 250 30.21 -16.97 2.44
CA ASP C 250 31.44 -16.21 2.27
C ASP C 250 31.97 -15.70 3.62
N ALA C 251 32.10 -16.61 4.57
CA ALA C 251 32.60 -16.23 5.88
C ALA C 251 33.90 -15.47 5.78
N TRP C 252 34.01 -14.45 6.63
CA TRP C 252 35.23 -13.69 6.78
C TRP C 252 35.77 -14.09 8.15
N MET C 253 36.89 -14.82 8.16
CA MET C 253 37.31 -15.55 9.34
C MET C 253 38.19 -14.75 10.30
N PHE C 254 38.69 -13.62 9.83
CA PHE C 254 39.63 -12.78 10.63
C PHE C 254 39.21 -12.52 12.08
N PRO C 255 37.92 -12.22 12.32
CA PRO C 255 37.53 -11.92 13.72
C PRO C 255 37.71 -13.02 14.74
N LEU C 256 37.77 -14.27 14.29
CA LEU C 256 37.69 -15.43 15.17
C LEU C 256 38.98 -15.77 15.92
N GLY C 257 38.85 -16.12 17.18
CA GLY C 257 39.99 -16.64 17.93
C GLY C 257 40.16 -18.12 17.74
N ASP C 258 41.38 -18.63 17.94
CA ASP C 258 41.63 -20.05 17.67
C ASP C 258 40.90 -21.02 18.58
N GLU C 259 40.41 -20.52 19.71
CA GLU C 259 39.68 -21.37 20.66
C GLU C 259 38.34 -21.92 20.14
N VAL C 260 37.79 -21.31 19.07
CA VAL C 260 36.41 -21.65 18.68
C VAL C 260 36.29 -23.02 18.00
N TYR C 261 37.31 -23.39 17.23
CA TYR C 261 37.21 -24.55 16.33
C TYR C 261 36.87 -25.88 16.99
N SER C 262 37.54 -26.16 18.12
CA SER C 262 37.33 -27.42 18.80
C SER C 262 35.99 -27.47 19.54
N ARG C 263 35.28 -26.35 19.57
CA ARG C 263 34.07 -26.22 20.38
C ARG C 263 32.79 -26.30 19.55
N ILE C 264 32.93 -26.71 18.29
CA ILE C 264 31.78 -26.75 17.38
C ILE C 264 31.49 -28.17 16.88
N PRO C 265 30.73 -28.96 17.66
CA PRO C 265 30.34 -30.29 17.23
C PRO C 265 29.28 -30.24 16.11
N GLN C 266 28.56 -29.11 15.98
CA GLN C 266 27.46 -29.02 15.01
C GLN C 266 27.95 -28.99 13.55
N PRO C 267 27.17 -29.56 12.63
CA PRO C 267 27.44 -29.44 11.19
C PRO C 267 27.53 -27.99 10.70
N LEU C 268 28.46 -27.75 9.79
CA LEU C 268 28.73 -26.40 9.32
C LEU C 268 28.98 -26.49 7.83
N PHE C 269 28.35 -25.57 7.10
CA PHE C 269 28.40 -25.55 5.63
C PHE C 269 28.96 -24.19 5.22
N PHE C 270 30.03 -24.20 4.42
CA PHE C 270 30.61 -22.98 3.86
C PHE C 270 30.17 -22.87 2.40
N ILE C 271 29.45 -21.80 2.08
CA ILE C 271 29.12 -21.47 0.67
C ILE C 271 29.89 -20.19 0.33
N ASN C 272 30.88 -20.32 -0.56
CA ASN C 272 31.81 -19.22 -0.87
C ASN C 272 31.58 -18.62 -2.24
N SER C 273 31.97 -17.36 -2.43
CA SER C 273 32.02 -16.80 -3.79
C SER C 273 33.38 -17.10 -4.40
N GLU C 274 33.45 -17.05 -5.72
CA GLU C 274 34.73 -17.32 -6.41
C GLU C 274 35.75 -16.24 -6.13
N TYR C 275 35.28 -14.99 -6.10
CA TYR C 275 36.20 -13.85 -6.13
C TYR C 275 36.52 -13.21 -4.80
N PHE C 276 35.77 -13.52 -3.74
CA PHE C 276 36.09 -12.93 -2.45
C PHE C 276 37.27 -13.62 -1.77
N GLN C 277 37.30 -14.93 -1.84
CA GLN C 277 38.14 -15.71 -0.94
C GLN C 277 39.63 -15.57 -1.26
N TYR C 278 40.42 -15.77 -0.20
CA TYR C 278 41.85 -15.61 -0.28
C TYR C 278 42.50 -16.65 0.64
N PRO C 279 43.77 -17.00 0.38
CA PRO C 279 44.41 -18.10 1.13
C PRO C 279 44.34 -18.03 2.65
N ALA C 280 44.65 -16.89 3.25
CA ALA C 280 44.62 -16.80 4.71
C ALA C 280 43.24 -17.13 5.27
N ASN C 281 42.21 -16.77 4.52
CA ASN C 281 40.84 -17.00 4.95
C ASN C 281 40.45 -18.48 4.81
N ILE C 282 40.79 -19.04 3.64
CA ILE C 282 40.56 -20.47 3.38
C ILE C 282 41.27 -21.36 4.41
N ILE C 283 42.51 -21.01 4.75
CA ILE C 283 43.24 -21.77 5.78
C ILE C 283 42.48 -21.79 7.14
N LYS C 284 41.89 -20.65 7.54
CA LYS C 284 41.08 -20.66 8.76
C LYS C 284 39.81 -21.50 8.61
N MET C 285 39.20 -21.49 7.43
CA MET C 285 38.07 -22.38 7.21
C MET C 285 38.50 -23.85 7.39
N LYS C 286 39.69 -24.17 6.88
CA LYS C 286 40.19 -25.54 7.00
C LYS C 286 40.44 -25.94 8.44
N LYS C 287 40.70 -24.97 9.31
CA LYS C 287 40.89 -25.22 10.73
C LYS C 287 39.61 -25.79 11.37
N CYS C 288 38.48 -25.60 10.68
CA CYS C 288 37.21 -26.10 11.18
C CYS C 288 37.05 -27.58 10.86
N TYR C 289 37.87 -28.11 9.96
CA TYR C 289 37.68 -29.48 9.51
C TYR C 289 38.33 -30.41 10.51
N SER C 290 37.59 -31.45 10.89
CA SER C 290 38.13 -32.54 11.70
C SER C 290 37.35 -33.79 11.36
N PRO C 291 37.99 -34.98 11.41
CA PRO C 291 37.23 -36.15 10.99
C PRO C 291 35.98 -36.40 11.83
N ASP C 292 35.92 -35.85 13.04
CA ASP C 292 34.75 -36.05 13.90
C ASP C 292 33.62 -35.03 13.68
N LYS C 293 33.79 -34.15 12.68
CA LYS C 293 32.82 -33.07 12.46
C LYS C 293 32.34 -33.05 11.02
N GLU C 294 31.06 -32.72 10.82
CA GLU C 294 30.50 -32.64 9.47
C GLU C 294 30.73 -31.24 8.93
N ARG C 295 31.56 -31.16 7.88
CA ARG C 295 31.87 -29.90 7.23
C ARG C 295 31.75 -30.05 5.74
N LYS C 296 31.11 -29.08 5.12
CA LYS C 296 31.01 -29.08 3.67
C LYS C 296 31.36 -27.70 3.16
N MET C 297 31.97 -27.64 1.97
CA MET C 297 32.29 -26.37 1.31
C MET C 297 32.02 -26.44 -0.18
N ILE C 298 31.39 -25.37 -0.68
CA ILE C 298 31.23 -25.22 -2.13
C ILE C 298 31.56 -23.78 -2.48
N THR C 299 31.91 -23.57 -3.75
CA THR C 299 32.19 -22.24 -4.24
C THR C 299 31.29 -22.02 -5.46
N ILE C 300 30.66 -20.86 -5.50
CA ILE C 300 29.80 -20.50 -6.62
C ILE C 300 30.64 -19.86 -7.72
N ARG C 301 30.66 -20.50 -8.89
CA ARG C 301 31.47 -19.96 -10.00
C ARG C 301 31.03 -18.56 -10.40
N GLY C 302 31.99 -17.67 -10.63
CA GLY C 302 31.68 -16.36 -11.19
C GLY C 302 31.08 -15.34 -10.25
N SER C 303 31.09 -15.65 -8.96
CA SER C 303 30.42 -14.79 -7.99
C SER C 303 31.37 -13.94 -7.17
N VAL C 304 30.81 -12.87 -6.62
CA VAL C 304 31.49 -11.95 -5.70
C VAL C 304 30.74 -11.99 -4.35
N HIS C 305 31.34 -11.42 -3.28
CA HIS C 305 30.69 -11.57 -1.97
C HIS C 305 29.33 -10.88 -1.94
N GLN C 306 29.17 -9.85 -2.76
CA GLN C 306 27.87 -9.15 -2.78
C GLN C 306 26.75 -9.98 -3.43
N ASN C 307 27.08 -11.11 -4.06
CA ASN C 307 26.03 -11.99 -4.61
C ASN C 307 25.07 -12.52 -3.54
N PHE C 308 25.50 -12.53 -2.29
CA PHE C 308 24.62 -13.02 -1.22
C PHE C 308 23.69 -11.97 -0.66
N ALA C 309 23.98 -10.69 -0.94
CA ALA C 309 23.19 -9.58 -0.38
C ALA C 309 22.26 -8.98 -1.42
N ASP C 310 21.24 -8.27 -0.96
CA ASP C 310 20.17 -7.78 -1.85
C ASP C 310 20.60 -6.74 -2.88
N PHE C 311 21.71 -6.03 -2.63
CA PHE C 311 22.15 -5.03 -3.60
C PHE C 311 22.53 -5.63 -4.95
N THR C 312 22.75 -6.94 -4.98
CA THR C 312 23.01 -7.63 -6.24
C THR C 312 21.78 -7.59 -7.18
N PHE C 313 20.62 -7.23 -6.64
CA PHE C 313 19.38 -7.14 -7.43
C PHE C 313 18.96 -5.70 -7.71
N ALA C 314 19.68 -4.76 -7.10
CA ALA C 314 19.23 -3.35 -7.06
C ALA C 314 19.52 -2.57 -8.33
N THR C 315 20.53 -2.98 -9.10
CA THR C 315 20.94 -2.29 -10.32
C THR C 315 20.96 -3.23 -11.53
N GLY C 316 21.13 -2.67 -12.72
CA GLY C 316 21.26 -3.47 -13.95
C GLY C 316 22.60 -4.22 -14.01
N LYS C 317 22.71 -5.11 -15.01
CA LYS C 317 23.90 -5.95 -15.19
C LYS C 317 25.22 -5.19 -15.31
N ILE C 318 25.23 -4.19 -16.18
CA ILE C 318 26.46 -3.44 -16.49
C ILE C 318 26.94 -2.61 -15.30
N ILE C 319 26.05 -1.79 -14.74
CA ILE C 319 26.36 -1.00 -13.55
C ILE C 319 26.71 -1.89 -12.35
N GLY C 320 25.98 -2.98 -12.17
CA GLY C 320 26.22 -3.88 -11.04
C GLY C 320 27.59 -4.52 -11.12
N HIS C 321 27.98 -4.95 -12.32
CA HIS C 321 29.30 -5.54 -12.50
C HIS C 321 30.40 -4.52 -12.20
N MET C 322 30.18 -3.28 -12.65
CA MET C 322 31.14 -2.20 -12.43
C MET C 322 31.32 -1.88 -10.95
N LEU C 323 30.23 -1.95 -10.18
CA LEU C 323 30.25 -1.62 -8.75
C LEU C 323 30.56 -2.85 -7.89
N LYS C 324 30.82 -3.97 -8.55
CA LYS C 324 31.06 -5.26 -7.89
C LYS C 324 29.91 -5.69 -6.99
N LEU C 325 28.70 -5.30 -7.39
CA LEU C 325 27.48 -5.83 -6.79
C LEU C 325 27.06 -7.11 -7.48
N LYS C 326 27.53 -7.30 -8.71
CA LYS C 326 27.26 -8.53 -9.45
C LYS C 326 28.58 -9.13 -9.91
N GLY C 327 28.58 -10.45 -10.07
CA GLY C 327 29.72 -11.14 -10.67
C GLY C 327 29.44 -11.47 -12.12
N ASP C 328 30.22 -12.40 -12.67
CA ASP C 328 29.96 -12.93 -14.03
C ASP C 328 28.69 -13.75 -14.11
N ILE C 329 28.39 -14.47 -13.04
CA ILE C 329 27.20 -15.30 -12.94
C ILE C 329 25.97 -14.42 -12.81
N ASP C 330 24.85 -14.88 -13.34
CA ASP C 330 23.56 -14.22 -13.10
C ASP C 330 23.19 -14.27 -11.61
N SER C 331 22.70 -13.14 -11.07
CA SER C 331 22.44 -13.06 -9.63
C SER C 331 21.34 -14.01 -9.17
N ASN C 332 20.33 -14.22 -10.00
CA ASN C 332 19.31 -15.20 -9.63
C ASN C 332 19.83 -16.64 -9.65
N VAL C 333 20.65 -16.97 -10.64
CA VAL C 333 21.29 -18.30 -10.68
C VAL C 333 22.09 -18.51 -9.39
N ALA C 334 22.85 -17.49 -9.00
CA ALA C 334 23.73 -17.64 -7.81
C ALA C 334 22.95 -17.80 -6.52
N ILE C 335 21.96 -16.92 -6.31
CA ILE C 335 21.21 -17.01 -5.07
C ILE C 335 20.35 -18.27 -5.01
N ASP C 336 19.86 -18.73 -6.16
CA ASP C 336 19.11 -19.99 -6.21
C ASP C 336 20.01 -21.15 -5.78
N LEU C 337 21.28 -21.16 -6.23
CA LEU C 337 22.20 -22.23 -5.84
C LEU C 337 22.46 -22.20 -4.35
N SER C 338 22.71 -21.00 -3.82
CA SER C 338 23.01 -20.86 -2.41
C SER C 338 21.77 -21.24 -1.60
N ASN C 339 20.60 -20.77 -2.03
CA ASN C 339 19.38 -21.06 -1.29
C ASN C 339 18.99 -22.55 -1.32
N LYS C 340 19.14 -23.18 -2.47
CA LYS C 340 18.77 -24.60 -2.60
C LYS C 340 19.75 -25.50 -1.88
N ALA C 341 21.06 -25.21 -2.01
CA ALA C 341 22.05 -25.95 -1.24
C ALA C 341 21.79 -25.81 0.26
N SER C 342 21.46 -24.59 0.69
CA SER C 342 21.14 -24.36 2.09
C SER C 342 19.93 -25.18 2.54
N LEU C 343 18.87 -25.20 1.72
CA LEU C 343 17.68 -25.99 2.08
C LEU C 343 18.00 -27.47 2.25
N ALA C 344 18.78 -28.02 1.33
CA ALA C 344 19.20 -29.43 1.43
C ALA C 344 20.01 -29.67 2.69
N PHE C 345 20.94 -28.75 2.99
CA PHE C 345 21.77 -28.90 4.19
C PHE C 345 20.90 -28.82 5.45
N LEU C 346 19.98 -27.85 5.50
CA LEU C 346 19.06 -27.71 6.63
C LEU C 346 18.16 -28.92 6.79
N GLN C 347 17.69 -29.49 5.69
CA GLN C 347 16.87 -30.70 5.81
C GLN C 347 17.66 -31.84 6.43
N LYS C 348 18.90 -32.01 5.97
CA LYS C 348 19.76 -33.11 6.40
C LYS C 348 20.05 -33.00 7.89
N HIS C 349 20.40 -31.79 8.33
CA HIS C 349 20.90 -31.61 9.68
C HIS C 349 19.90 -31.13 10.73
N LEU C 350 18.72 -30.71 10.28
CA LEU C 350 17.62 -30.43 11.22
C LEU C 350 16.57 -31.54 11.23
N GLY C 351 16.71 -32.50 10.33
CA GLY C 351 15.76 -33.58 10.20
C GLY C 351 14.40 -33.18 9.67
N LEU C 352 14.37 -32.27 8.68
CA LEU C 352 13.11 -31.81 8.10
C LEU C 352 12.48 -32.90 7.22
N HIS C 353 11.16 -32.92 7.21
CA HIS C 353 10.43 -33.93 6.41
C HIS C 353 9.86 -33.28 5.18
N LYS C 354 10.75 -32.68 4.39
CA LYS C 354 10.37 -31.97 3.20
C LYS C 354 11.03 -32.66 2.02
N ASP C 355 11.13 -31.98 0.88
CA ASP C 355 11.74 -32.59 -0.28
C ASP C 355 13.01 -31.85 -0.70
N PHE C 356 13.64 -31.19 0.26
CA PHE C 356 14.84 -30.39 -0.04
C PHE C 356 16.04 -31.29 -0.37
N ASP C 357 15.94 -32.58 -0.04
CA ASP C 357 17.01 -33.52 -0.39
C ASP C 357 17.16 -33.69 -1.91
N GLN C 358 16.22 -33.14 -2.68
CA GLN C 358 16.34 -33.07 -4.13
C GLN C 358 17.58 -32.29 -4.57
N TRP C 359 18.09 -31.44 -3.68
CA TRP C 359 19.27 -30.61 -3.93
C TRP C 359 20.52 -31.09 -3.20
N ASP C 360 20.51 -32.35 -2.73
CA ASP C 360 21.67 -32.89 -2.03
C ASP C 360 22.96 -32.76 -2.86
N CYS C 361 22.86 -32.91 -4.19
CA CYS C 361 24.07 -32.86 -5.02
C CYS C 361 24.72 -31.48 -4.94
N LEU C 362 23.94 -30.46 -4.60
CA LEU C 362 24.49 -29.10 -4.52
C LEU C 362 25.40 -28.94 -3.30
N ILE C 363 25.11 -29.67 -2.22
CA ILE C 363 25.99 -29.66 -1.05
C ILE C 363 27.39 -30.17 -1.44
N GLU C 364 27.41 -31.08 -2.42
CA GLU C 364 28.66 -31.67 -2.90
C GLU C 364 29.31 -30.88 -4.04
N GLY C 365 28.72 -29.73 -4.37
CA GLY C 365 29.23 -28.85 -5.42
C GLY C 365 29.06 -29.39 -6.82
N ASP C 366 28.10 -30.29 -6.99
CA ASP C 366 27.89 -30.97 -8.27
C ASP C 366 26.88 -30.23 -9.13
N ASP C 367 27.37 -29.19 -9.82
CA ASP C 367 26.54 -28.36 -10.69
C ASP C 367 27.48 -27.62 -11.60
N GLU C 368 27.01 -27.27 -12.80
CA GLU C 368 27.82 -26.53 -13.77
C GLU C 368 28.34 -25.18 -13.24
N ASN C 369 27.61 -24.61 -12.28
CA ASN C 369 28.02 -23.33 -11.68
C ASN C 369 28.56 -23.44 -10.25
N LEU C 370 28.92 -24.65 -9.81
CA LEU C 370 29.53 -24.86 -8.49
C LEU C 370 30.88 -25.55 -8.63
N ILE C 371 31.69 -25.41 -7.58
CA ILE C 371 32.99 -26.10 -7.39
C ILE C 371 32.85 -26.80 -6.04
N PRO C 372 33.14 -28.11 -5.94
CA PRO C 372 33.31 -28.69 -4.61
C PRO C 372 34.56 -28.09 -3.98
N GLY C 373 34.45 -27.69 -2.72
CA GLY C 373 35.60 -27.13 -2.01
C GLY C 373 35.86 -25.72 -2.52
N THR C 374 37.12 -25.44 -2.88
CA THR C 374 37.54 -24.10 -3.27
C THR C 374 38.45 -24.12 -4.50
N ASN C 375 38.46 -22.98 -5.18
CA ASN C 375 39.40 -22.70 -6.28
C ASN C 375 40.72 -22.10 -5.79
N ILE C 376 40.76 -21.72 -4.51
CA ILE C 376 41.92 -21.04 -3.95
C ILE C 376 42.94 -22.08 -3.51
N ASN C 377 44.17 -21.89 -3.96
CA ASN C 377 45.23 -22.81 -3.63
C ASN C 377 45.95 -22.42 -2.36
N THR C 378 46.18 -23.41 -1.52
CA THR C 378 47.06 -23.29 -0.37
C THR C 378 47.71 -24.63 0.02
N THR C 379 48.68 -25.05 -0.80
CA THR C 379 49.40 -26.31 -0.54
C THR C 379 50.33 -26.26 0.69
#